data_8Y32
#
_entry.id   8Y32
#
_cell.length_a   1.00
_cell.length_b   1.00
_cell.length_c   1.00
_cell.angle_alpha   90.00
_cell.angle_beta   90.00
_cell.angle_gamma   90.00
#
_symmetry.space_group_name_H-M   'P 1'
#
loop_
_entity.id
_entity.type
_entity.pdbx_description
1 polymer 'Angiotensin-converting enzyme'
2 polymer 'Spike protein S1 RBD'
3 non-polymer 'CHLORIDE ION'
4 non-polymer 2-acetamido-2-deoxy-beta-D-glucopyranose
#
loop_
_entity_poly.entity_id
_entity_poly.type
_entity_poly.pdbx_seq_one_letter_code
_entity_poly.pdbx_strand_id
1 'polypeptide(L)'
;STTEEQAKTFLEKFNHEAEDLSYQSSLASWNYNTNITDENVQKMNEARAKWSAFYEEQSRMAKTYSLEEIQNLTLKRQLK
ALQHSGTSALSAEKSKRLNTILNKMSTIYSTGKVLDPNTQECLALEPGLDDIMENSRDYNRRLWAWEGWRAEVGKQLRPL
YEEYVVLENEMARANNYEDYGDYWRGDYEVTGAGDYDYSRDQLMKDVERTFAEIKPLYEQLHAYVRAKLMHTYPSYISPT
GCLPAHLLGDMWGRFWTNLYSLTVPFEHKPSIDVTEKMENQSWDAERIFKEAEKFFVSISLPYMTQGFWDNSMLTEPGDG
RKVVCHPTAWDLGKGDFRIKMCTKVTMDDFLTAHHEMGHIQYDMAYAAQPYLLRNGANEGFHEAVGEIMSLSAATPHYLK
ALGLLAPDFHEDNETEINFLLKQALTIVGTLPFTYMLEKWRWMVFKGEIPKQQWMEKWWEMKREIVGVVEPLPHDETYCD
PACLFHVAEDYSFIRYYTRTIYQFQFHEALCKTAKHEGALFKCDISNSTEAGQRLLQMLRLGKSEPWTLALENIVGIKTM
DVKPLLNYFEPLFTWLKEQNRNSFVGWSTEWTPYSDQSIKVRISLKSALGENAYEWNDNEMYLFQSSVAYAMRKYFSEAR
NETVLFGEDNVWVSDKKPRISFKFFVTSPNNVSDIIPRTEVENAIRLSRDRFNDVFQLDDNSLEFLGIQPTLGPPYEPPV
TIWLIIFGVVMGVVVIGIVVLIFTGIRNRRKKNQASSEENPYGSVDLNKGENNSGFQNIDDVQTSL
;
A
2 'polypeptide(L)'
;NVTNLCPFHEVFNATRFASVYAWNRTRISNCVADYSVLYNFAPFFAFKCYGVSPTKLNDLCFTNVYADSFVIKGNEVSQI
APGQTGNIADYNYKLPDDFTGCVIAWNSNKLDSKHSGNYDYWYRLFRKSKLKPFERDISTEIYQAGNKPCKGVKGPNCYF
PLQSYGFRPTYGVGHQPYRVVVLSFELLHAPATVCGPKKSTNLVKNKCVNF
;
B
#
# COMPACT_ATOMS: atom_id res chain seq x y z
N SER A 1 -12.24 -17.28 -34.77
CA SER A 1 -12.66 -17.84 -33.51
C SER A 1 -11.46 -18.06 -32.58
N THR A 2 -10.80 -16.98 -32.20
CA THR A 2 -9.63 -17.07 -31.34
C THR A 2 -10.05 -17.53 -29.94
N THR A 3 -9.09 -18.14 -29.23
CA THR A 3 -9.34 -18.62 -27.88
C THR A 3 -8.63 -17.83 -26.79
N GLU A 4 -7.66 -17.00 -27.16
CA GLU A 4 -6.96 -16.16 -26.20
C GLU A 4 -7.20 -14.67 -26.41
N GLU A 5 -7.42 -14.25 -27.65
CA GLU A 5 -7.76 -12.84 -27.90
C GLU A 5 -9.06 -12.47 -27.19
N GLN A 6 -9.96 -13.44 -27.01
CA GLN A 6 -11.18 -13.17 -26.26
C GLN A 6 -10.85 -12.77 -24.83
N ALA A 7 -9.96 -13.52 -24.19
CA ALA A 7 -9.54 -13.17 -22.83
C ALA A 7 -8.82 -11.83 -22.81
N LYS A 8 -7.98 -11.58 -23.82
CA LYS A 8 -7.24 -10.32 -23.85
C LYS A 8 -8.17 -9.13 -23.95
N THR A 9 -9.16 -9.20 -24.85
CA THR A 9 -10.11 -8.10 -25.00
C THR A 9 -10.99 -7.94 -23.76
N PHE A 10 -11.41 -9.05 -23.14
CA PHE A 10 -12.20 -8.91 -21.93
C PHE A 10 -11.40 -8.23 -20.82
N LEU A 11 -10.14 -8.62 -20.66
CA LEU A 11 -9.31 -7.98 -19.64
C LEU A 11 -9.08 -6.50 -19.97
N GLU A 12 -8.90 -6.18 -21.25
CA GLU A 12 -8.71 -4.78 -21.62
C GLU A 12 -9.94 -3.95 -21.30
N LYS A 13 -11.14 -4.47 -21.60
CA LYS A 13 -12.35 -3.72 -21.28
C LYS A 13 -12.53 -3.57 -19.79
N PHE A 14 -12.25 -4.63 -19.02
CA PHE A 14 -12.35 -4.52 -17.57
C PHE A 14 -11.39 -3.47 -17.03
N ASN A 15 -10.15 -3.48 -17.51
CA ASN A 15 -9.17 -2.51 -17.05
C ASN A 15 -9.60 -1.09 -17.38
N HIS A 16 -10.13 -0.87 -18.58
CA HIS A 16 -10.47 0.47 -19.01
C HIS A 16 -11.79 0.97 -18.41
N GLU A 17 -12.66 0.07 -17.94
CA GLU A 17 -13.95 0.48 -17.40
C GLU A 17 -14.04 0.40 -15.88
N ALA A 18 -13.07 -0.20 -15.20
CA ALA A 18 -13.13 -0.30 -13.75
C ALA A 18 -12.41 0.84 -13.04
N GLU A 19 -11.85 1.79 -13.77
CA GLU A 19 -11.14 2.89 -13.13
C GLU A 19 -12.06 4.04 -12.75
N ASP A 20 -13.05 4.35 -13.60
CA ASP A 20 -13.99 5.40 -13.28
C ASP A 20 -14.83 5.05 -12.06
N LEU A 21 -15.25 3.79 -11.94
CA LEU A 21 -16.06 3.38 -10.81
C LEU A 21 -15.26 3.28 -9.52
N SER A 22 -13.94 3.20 -9.60
CA SER A 22 -13.09 3.06 -8.42
C SER A 22 -12.54 4.39 -7.94
N TYR A 23 -12.13 5.29 -8.85
CA TYR A 23 -11.62 6.58 -8.42
C TYR A 23 -12.66 7.37 -7.66
N GLN A 24 -13.88 7.46 -8.21
CA GLN A 24 -14.93 8.22 -7.56
C GLN A 24 -15.50 7.50 -6.34
N SER A 25 -15.29 6.19 -6.23
CA SER A 25 -15.65 5.49 -5.00
C SER A 25 -14.62 5.72 -3.90
N SER A 26 -13.35 5.86 -4.27
CA SER A 26 -12.32 6.16 -3.27
C SER A 26 -12.37 7.61 -2.82
N LEU A 27 -12.74 8.52 -3.75
CA LEU A 27 -12.87 9.92 -3.38
C LEU A 27 -13.98 10.12 -2.37
N ALA A 28 -15.05 9.33 -2.44
CA ALA A 28 -16.12 9.42 -1.47
C ALA A 28 -15.63 9.03 -0.08
N SER A 29 -14.82 7.97 0.02
CA SER A 29 -14.24 7.60 1.31
C SER A 29 -13.29 8.69 1.81
N TRP A 30 -12.50 9.27 0.92
CA TRP A 30 -11.61 10.35 1.33
C TRP A 30 -12.40 11.53 1.89
N ASN A 31 -13.47 11.92 1.22
CA ASN A 31 -14.32 13.00 1.73
C ASN A 31 -15.04 12.61 3.01
N TYR A 32 -15.27 11.31 3.21
CA TYR A 32 -15.83 10.88 4.49
C TYR A 32 -14.84 11.09 5.62
N ASN A 33 -13.57 10.70 5.40
CA ASN A 33 -12.57 10.89 6.45
C ASN A 33 -11.90 12.26 6.33
N THR A 34 -12.72 13.30 6.18
CA THR A 34 -12.29 14.67 6.37
C THR A 34 -13.34 15.54 7.05
N ASN A 35 -14.62 15.19 6.96
CA ASN A 35 -15.68 15.86 7.71
C ASN A 35 -16.77 14.81 7.92
N ILE A 36 -16.80 14.21 9.10
CA ILE A 36 -17.77 13.16 9.39
C ILE A 36 -19.09 13.81 9.77
N THR A 37 -20.14 13.52 9.00
CA THR A 37 -21.47 14.04 9.27
C THR A 37 -22.48 13.15 8.55
N ASP A 38 -23.74 13.59 8.52
CA ASP A 38 -24.80 12.75 7.96
C ASP A 38 -24.64 12.57 6.46
N GLU A 39 -24.27 13.62 5.74
CA GLU A 39 -24.23 13.53 4.28
C GLU A 39 -23.02 12.75 3.80
N ASN A 40 -21.89 12.88 4.49
CA ASN A 40 -20.65 12.29 3.99
C ASN A 40 -20.70 10.76 4.05
N VAL A 41 -21.26 10.20 5.12
CA VAL A 41 -21.39 8.74 5.20
C VAL A 41 -22.36 8.25 4.13
N GLN A 42 -23.43 9.00 3.88
CA GLN A 42 -24.36 8.64 2.82
C GLN A 42 -23.67 8.60 1.47
N LYS A 43 -22.86 9.61 1.18
CA LYS A 43 -22.15 9.64 -0.10
C LYS A 43 -21.15 8.48 -0.20
N MET A 44 -20.44 8.19 0.89
CA MET A 44 -19.47 7.11 0.88
C MET A 44 -20.15 5.78 0.59
N ASN A 45 -21.25 5.50 1.28
CA ASN A 45 -21.98 4.25 1.06
C ASN A 45 -22.57 4.20 -0.33
N GLU A 46 -23.09 5.32 -0.83
CA GLU A 46 -23.68 5.35 -2.16
C GLU A 46 -22.64 5.10 -3.24
N ALA A 47 -21.42 5.60 -3.05
CA ALA A 47 -20.36 5.35 -4.03
C ALA A 47 -19.81 3.94 -3.92
N ARG A 48 -19.76 3.37 -2.71
CA ARG A 48 -19.26 2.01 -2.56
C ARG A 48 -20.26 0.98 -3.05
N ALA A 49 -21.57 1.28 -2.96
CA ALA A 49 -22.58 0.37 -3.48
C ALA A 49 -22.50 0.26 -5.00
N LYS A 50 -22.05 1.32 -5.67
CA LYS A 50 -21.92 1.28 -7.12
C LYS A 50 -20.75 0.45 -7.58
N TRP A 51 -19.78 0.19 -6.72
CA TRP A 51 -18.62 -0.63 -7.07
C TRP A 51 -18.71 -2.05 -6.57
N SER A 52 -19.38 -2.28 -5.44
CA SER A 52 -19.53 -3.64 -4.93
C SER A 52 -20.30 -4.51 -5.92
N ALA A 53 -21.39 -3.99 -6.47
CA ALA A 53 -22.18 -4.75 -7.45
C ALA A 53 -21.39 -5.00 -8.72
N PHE A 54 -20.65 -4.00 -9.19
CA PHE A 54 -19.85 -4.18 -10.41
C PHE A 54 -18.79 -5.25 -10.21
N TYR A 55 -18.11 -5.24 -9.07
CA TYR A 55 -17.11 -6.27 -8.82
C TYR A 55 -17.74 -7.64 -8.64
N GLU A 56 -18.93 -7.71 -8.04
CA GLU A 56 -19.59 -9.00 -7.89
C GLU A 56 -20.13 -9.56 -9.19
N GLU A 57 -20.43 -8.69 -10.17
CA GLU A 57 -20.94 -9.16 -11.45
C GLU A 57 -19.85 -9.36 -12.50
N GLN A 58 -18.68 -8.76 -12.34
CA GLN A 58 -17.60 -9.00 -13.28
C GLN A 58 -16.91 -10.35 -13.04
N SER A 59 -16.86 -10.80 -11.79
CA SER A 59 -16.25 -12.10 -11.51
C SER A 59 -17.05 -13.23 -12.14
N ARG A 60 -18.37 -13.11 -12.17
CA ARG A 60 -19.22 -14.17 -12.72
C ARG A 60 -18.94 -14.38 -14.20
N MET A 61 -18.55 -13.32 -14.92
CA MET A 61 -18.22 -13.47 -16.33
C MET A 61 -16.74 -13.75 -16.56
N ALA A 62 -15.87 -13.35 -15.62
CA ALA A 62 -14.47 -13.74 -15.73
C ALA A 62 -14.25 -15.21 -15.42
N LYS A 63 -15.15 -15.83 -14.67
CA LYS A 63 -15.01 -17.24 -14.32
C LYS A 63 -15.19 -18.15 -15.52
N THR A 64 -15.90 -17.70 -16.55
CA THR A 64 -16.18 -18.55 -17.70
C THR A 64 -14.90 -18.93 -18.43
N TYR A 65 -14.02 -17.81 -18.65
CA TYR A 65 -12.76 -18.06 -19.35
C TYR A 65 -11.90 -19.02 -18.54
N SER A 66 -11.43 -20.27 -19.08
CA SER A 66 -10.61 -21.26 -18.39
C SER A 66 -9.20 -20.73 -18.15
N LEU A 67 -8.56 -21.25 -17.09
CA LEU A 67 -7.19 -20.91 -16.74
C LEU A 67 -6.19 -21.92 -17.27
N GLU A 68 -6.64 -22.89 -18.07
CA GLU A 68 -5.75 -23.87 -18.67
C GLU A 68 -5.37 -23.52 -20.10
N GLU A 69 -6.32 -23.04 -20.90
CA GLU A 69 -6.01 -22.69 -22.28
C GLU A 69 -5.08 -21.49 -22.36
N ILE A 70 -5.24 -20.53 -21.44
CA ILE A 70 -4.43 -19.32 -21.48
C ILE A 70 -2.97 -19.67 -21.27
N GLN A 71 -2.09 -18.98 -22.01
CA GLN A 71 -0.66 -19.31 -22.00
C GLN A 71 0.21 -18.17 -21.51
N ASN A 72 -0.02 -16.94 -21.97
CA ASN A 72 0.80 -15.82 -21.54
C ASN A 72 0.69 -15.64 -20.03
N LEU A 73 1.84 -15.57 -19.37
CA LEU A 73 1.86 -15.64 -17.91
C LEU A 73 1.25 -14.41 -17.26
N THR A 74 1.55 -13.23 -17.80
CA THR A 74 0.99 -12.01 -17.22
C THR A 74 -0.52 -11.91 -17.42
N LEU A 75 -1.10 -12.72 -18.30
CA LEU A 75 -2.55 -12.78 -18.40
C LEU A 75 -3.14 -13.68 -17.33
N LYS A 76 -2.54 -14.85 -17.09
CA LYS A 76 -3.02 -15.73 -16.06
C LYS A 76 -2.87 -15.11 -14.68
N ARG A 77 -1.79 -14.36 -14.46
CA ARG A 77 -1.58 -13.74 -13.16
C ARG A 77 -2.69 -12.75 -12.84
N GLN A 78 -3.12 -11.97 -13.84
CA GLN A 78 -4.23 -11.05 -13.63
C GLN A 78 -5.56 -11.78 -13.51
N LEU A 79 -5.76 -12.81 -14.35
CA LEU A 79 -7.06 -13.49 -14.38
C LEU A 79 -7.30 -14.32 -13.13
N LYS A 80 -6.24 -14.79 -12.47
CA LYS A 80 -6.41 -15.63 -11.29
C LYS A 80 -7.08 -14.87 -10.16
N ALA A 81 -6.72 -13.61 -9.97
CA ALA A 81 -7.32 -12.81 -8.90
C ALA A 81 -8.81 -12.62 -9.14
N LEU A 82 -9.20 -12.33 -10.39
CA LEU A 82 -10.62 -12.09 -10.68
C LEU A 82 -11.42 -13.38 -10.68
N GLN A 83 -10.80 -14.50 -11.06
CA GLN A 83 -11.52 -15.77 -11.04
C GLN A 83 -11.95 -16.12 -9.63
N HIS A 84 -11.09 -15.88 -8.64
CA HIS A 84 -11.38 -16.22 -7.26
C HIS A 84 -12.51 -15.36 -6.72
N SER A 85 -13.53 -16.00 -6.18
CA SER A 85 -14.66 -15.30 -5.60
C SER A 85 -14.42 -15.08 -4.12
N GLY A 86 -15.45 -14.65 -3.38
CA GLY A 86 -15.31 -14.41 -1.97
C GLY A 86 -16.39 -15.10 -1.15
N THR A 87 -17.10 -14.31 -0.34
CA THR A 87 -18.23 -14.85 0.41
C THR A 87 -19.42 -15.18 -0.49
N SER A 88 -19.38 -14.77 -1.76
CA SER A 88 -20.45 -15.10 -2.69
C SER A 88 -20.27 -16.51 -3.24
N ALA A 89 -20.07 -17.46 -2.36
CA ALA A 89 -19.96 -18.87 -2.71
C ALA A 89 -20.88 -19.75 -1.88
N LEU A 90 -21.07 -19.42 -0.61
CA LEU A 90 -22.01 -20.17 0.21
C LEU A 90 -23.44 -19.84 -0.19
N SER A 91 -24.38 -20.62 0.31
CA SER A 91 -25.78 -20.48 -0.08
C SER A 91 -26.34 -19.20 0.56
N ALA A 92 -27.66 -19.02 0.42
CA ALA A 92 -28.29 -17.82 0.96
C ALA A 92 -28.20 -17.80 2.49
N GLU A 93 -28.50 -18.93 3.13
CA GLU A 93 -28.51 -18.96 4.59
C GLU A 93 -27.11 -18.80 5.16
N LYS A 94 -26.14 -19.52 4.59
CA LYS A 94 -24.79 -19.52 5.13
C LYS A 94 -24.07 -18.19 4.94
N SER A 95 -24.60 -17.29 4.12
CA SER A 95 -24.05 -15.95 3.99
C SER A 95 -24.86 -14.91 4.75
N LYS A 96 -26.19 -15.00 4.69
CA LYS A 96 -27.02 -14.10 5.48
C LYS A 96 -26.87 -14.34 6.98
N ARG A 97 -26.31 -15.49 7.38
CA ARG A 97 -25.97 -15.73 8.78
C ARG A 97 -24.53 -15.36 9.08
N LEU A 98 -23.62 -15.61 8.13
CA LEU A 98 -22.22 -15.26 8.35
C LEU A 98 -22.04 -13.76 8.48
N ASN A 99 -22.72 -12.98 7.65
CA ASN A 99 -22.63 -11.52 7.76
C ASN A 99 -23.16 -11.04 9.10
N THR A 100 -24.29 -11.61 9.53
CA THR A 100 -24.85 -11.25 10.83
C THR A 100 -23.90 -11.59 11.96
N ILE A 101 -23.26 -12.76 11.89
CA ILE A 101 -22.31 -13.17 12.92
C ILE A 101 -21.13 -12.21 12.95
N LEU A 102 -20.60 -11.85 11.78
CA LEU A 102 -19.46 -10.93 11.75
C LEU A 102 -19.83 -9.57 12.35
N ASN A 103 -20.99 -9.04 11.98
CA ASN A 103 -21.42 -7.76 12.54
C ASN A 103 -21.63 -7.86 14.04
N LYS A 104 -22.18 -8.97 14.52
CA LYS A 104 -22.38 -9.14 15.95
C LYS A 104 -21.06 -9.21 16.70
N MET A 105 -20.06 -9.90 16.15
CA MET A 105 -18.75 -9.92 16.79
C MET A 105 -18.14 -8.53 16.85
N SER A 106 -18.24 -7.78 15.76
CA SER A 106 -17.72 -6.41 15.78
C SER A 106 -18.42 -5.58 16.84
N THR A 107 -19.75 -5.67 16.91
CA THR A 107 -20.50 -4.88 17.89
C THR A 107 -20.15 -5.26 19.32
N ILE A 108 -20.05 -6.56 19.59
CA ILE A 108 -19.81 -7.01 20.96
C ILE A 108 -18.38 -6.74 21.37
N TYR A 109 -17.44 -6.67 20.43
CA TYR A 109 -16.11 -6.18 20.79
C TYR A 109 -16.13 -4.68 21.04
N SER A 110 -16.92 -3.94 20.27
CA SER A 110 -16.99 -2.50 20.44
C SER A 110 -17.57 -2.12 21.80
N THR A 111 -18.60 -2.83 22.25
CA THR A 111 -19.29 -2.52 23.50
C THR A 111 -18.72 -3.37 24.63
N GLY A 112 -18.25 -2.72 25.69
CA GLY A 112 -17.76 -3.43 26.85
C GLY A 112 -17.34 -2.54 28.01
N LYS A 113 -17.77 -2.90 29.22
CA LYS A 113 -17.39 -2.19 30.43
C LYS A 113 -17.24 -3.18 31.57
N VAL A 114 -16.51 -2.76 32.62
CA VAL A 114 -16.34 -3.56 33.83
C VAL A 114 -16.65 -2.68 35.03
N LEU A 115 -17.07 -3.32 36.13
CA LEU A 115 -17.33 -2.62 37.39
C LEU A 115 -16.62 -3.40 38.49
N ASP A 116 -15.33 -3.12 38.67
CA ASP A 116 -14.57 -3.58 39.82
C ASP A 116 -14.71 -2.65 41.02
N PRO A 117 -14.49 -1.33 40.88
CA PRO A 117 -14.56 -0.45 42.05
C PRO A 117 -15.98 -0.02 42.34
N ASN A 118 -16.14 0.96 43.24
CA ASN A 118 -17.44 1.51 43.58
C ASN A 118 -18.28 1.77 42.33
N THR A 119 -19.59 1.53 42.47
CA THR A 119 -20.53 1.49 41.35
C THR A 119 -20.36 2.61 40.35
N GLN A 120 -20.03 3.81 40.82
CA GLN A 120 -19.88 4.95 39.92
C GLN A 120 -18.70 4.79 38.96
N GLU A 121 -17.75 3.91 39.27
CA GLU A 121 -16.56 3.74 38.44
C GLU A 121 -16.72 2.51 37.54
N CYS A 122 -17.58 2.67 36.52
CA CYS A 122 -17.73 1.65 35.48
C CYS A 122 -16.87 2.03 34.28
N LEU A 123 -15.55 1.94 34.48
CA LEU A 123 -14.61 2.33 33.45
C LEU A 123 -14.68 1.39 32.26
N ALA A 124 -14.83 1.95 31.06
CA ALA A 124 -14.88 1.16 29.85
C ALA A 124 -13.48 0.67 29.49
N LEU A 125 -13.39 -0.09 28.41
CA LEU A 125 -12.11 -0.66 28.01
C LEU A 125 -11.10 0.42 27.64
N GLU A 126 -11.54 1.43 26.91
CA GLU A 126 -10.67 2.51 26.47
C GLU A 126 -11.30 3.85 26.81
N PRO A 127 -10.48 4.87 27.09
CA PRO A 127 -9.03 4.84 27.21
C PRO A 127 -8.56 4.77 28.66
N GLY A 128 -9.47 4.91 29.62
CA GLY A 128 -9.07 4.93 31.01
C GLY A 128 -8.50 3.60 31.50
N LEU A 129 -9.17 2.50 31.15
CA LEU A 129 -8.70 1.20 31.61
C LEU A 129 -7.39 0.81 30.93
N ASP A 130 -7.25 1.15 29.64
CA ASP A 130 -5.99 0.93 28.95
C ASP A 130 -4.87 1.74 29.60
N ASP A 131 -5.16 3.00 29.94
CA ASP A 131 -4.15 3.84 30.57
C ASP A 131 -3.73 3.27 31.92
N ILE A 132 -4.70 2.82 32.72
CA ILE A 132 -4.35 2.34 34.06
C ILE A 132 -3.61 1.01 33.94
N MET A 133 -3.87 0.22 32.90
CA MET A 133 -3.03 -0.95 32.66
C MET A 133 -1.61 -0.58 32.25
N GLU A 134 -1.45 0.39 31.37
CA GLU A 134 -0.12 0.71 30.87
C GLU A 134 0.67 1.64 31.77
N ASN A 135 0.11 2.11 32.88
CA ASN A 135 0.84 3.01 33.77
C ASN A 135 0.96 2.54 35.22
N SER A 136 0.07 1.70 35.71
CA SER A 136 0.08 1.35 37.12
C SER A 136 1.27 0.45 37.46
N ARG A 137 1.54 0.34 38.76
CA ARG A 137 2.58 -0.55 39.29
C ARG A 137 1.98 -1.24 40.51
N ASP A 138 1.38 -2.40 40.30
CA ASP A 138 0.76 -3.17 41.36
C ASP A 138 0.56 -4.59 40.88
N TYR A 139 0.01 -5.44 41.76
CA TYR A 139 -0.36 -6.80 41.40
C TYR A 139 -1.85 -7.04 41.54
N ASN A 140 -2.41 -6.76 42.73
CA ASN A 140 -3.84 -6.94 42.94
C ASN A 140 -4.65 -6.00 42.07
N ARG A 141 -4.17 -4.77 41.89
CA ARG A 141 -4.91 -3.81 41.07
C ARG A 141 -5.05 -4.31 39.64
N ARG A 142 -3.93 -4.68 39.01
CA ARG A 142 -4.01 -5.17 37.63
C ARG A 142 -4.84 -6.45 37.55
N LEU A 143 -4.62 -7.38 38.49
CA LEU A 143 -5.36 -8.65 38.44
C LEU A 143 -6.85 -8.43 38.52
N TRP A 144 -7.32 -7.70 39.55
CA TRP A 144 -8.74 -7.51 39.74
C TRP A 144 -9.32 -6.45 38.82
N ALA A 145 -8.50 -5.72 38.08
CA ALA A 145 -9.00 -4.76 37.12
C ALA A 145 -9.14 -5.35 35.72
N TRP A 146 -8.27 -6.29 35.35
CA TRP A 146 -8.35 -6.88 34.02
C TRP A 146 -8.64 -8.36 34.03
N GLU A 147 -9.11 -8.92 35.15
CA GLU A 147 -9.83 -10.18 35.09
C GLU A 147 -11.14 -10.05 34.34
N GLY A 148 -11.63 -8.82 34.15
CA GLY A 148 -12.92 -8.58 33.53
C GLY A 148 -12.97 -8.86 32.04
N TRP A 149 -11.96 -8.44 31.28
CA TRP A 149 -12.02 -8.60 29.84
C TRP A 149 -11.96 -10.07 29.43
N ARG A 150 -11.13 -10.86 30.10
CA ARG A 150 -10.97 -12.26 29.73
C ARG A 150 -12.03 -13.15 30.35
N ALA A 151 -12.94 -12.59 31.14
CA ALA A 151 -14.01 -13.36 31.77
C ALA A 151 -15.41 -12.87 31.45
N GLU A 152 -15.54 -11.72 30.80
CA GLU A 152 -16.85 -11.23 30.35
C GLU A 152 -16.95 -11.20 28.83
N VAL A 153 -16.02 -10.52 28.16
CA VAL A 153 -16.03 -10.51 26.70
C VAL A 153 -15.78 -11.91 26.15
N GLY A 154 -14.86 -12.66 26.77
CA GLY A 154 -14.64 -14.03 26.35
C GLY A 154 -15.89 -14.88 26.44
N LYS A 155 -16.61 -14.76 27.56
CA LYS A 155 -17.86 -15.50 27.71
C LYS A 155 -18.90 -15.06 26.68
N GLN A 156 -18.95 -13.76 26.38
CA GLN A 156 -19.87 -13.28 25.37
C GLN A 156 -19.56 -13.88 24.00
N LEU A 157 -18.29 -14.00 23.67
CA LEU A 157 -17.88 -14.37 22.32
C LEU A 157 -17.56 -15.86 22.16
N ARG A 158 -17.71 -16.69 23.20
CA ARG A 158 -17.46 -18.12 22.97
C ARG A 158 -18.34 -18.69 21.86
N PRO A 159 -19.67 -18.71 22.02
CA PRO A 159 -20.48 -19.52 21.09
C PRO A 159 -20.44 -19.01 19.67
N LEU A 160 -20.38 -17.69 19.48
CA LEU A 160 -20.38 -17.15 18.13
C LEU A 160 -19.11 -17.54 17.39
N TYR A 161 -17.95 -17.50 18.06
CA TYR A 161 -16.71 -17.90 17.40
C TYR A 161 -16.66 -19.41 17.19
N GLU A 162 -17.20 -20.18 18.14
CA GLU A 162 -17.29 -21.62 17.95
C GLU A 162 -18.10 -21.97 16.72
N GLU A 163 -19.22 -21.27 16.50
CA GLU A 163 -20.00 -21.46 15.28
C GLU A 163 -19.28 -20.91 14.05
N TYR A 164 -18.54 -19.82 14.19
CA TYR A 164 -17.84 -19.21 13.07
C TYR A 164 -16.79 -20.16 12.52
N VAL A 165 -16.08 -20.88 13.40
CA VAL A 165 -15.04 -21.79 12.95
C VAL A 165 -15.62 -22.84 12.01
N VAL A 166 -16.72 -23.47 12.42
CA VAL A 166 -17.32 -24.52 11.59
C VAL A 166 -18.09 -23.94 10.41
N LEU A 167 -18.51 -22.68 10.47
CA LEU A 167 -19.18 -22.08 9.33
C LEU A 167 -18.21 -21.65 8.24
N GLU A 168 -17.00 -21.23 8.60
CA GLU A 168 -16.01 -20.85 7.61
C GLU A 168 -15.04 -21.97 7.25
N ASN A 169 -15.04 -23.07 7.99
CA ASN A 169 -14.32 -24.25 7.52
C ASN A 169 -14.92 -24.75 6.22
N GLU A 170 -16.24 -24.76 6.13
CA GLU A 170 -16.93 -25.10 4.88
C GLU A 170 -17.23 -23.86 4.04
N MET A 171 -16.23 -23.02 3.87
CA MET A 171 -16.26 -21.92 2.91
C MET A 171 -15.04 -21.94 2.02
N ALA A 172 -13.87 -22.27 2.57
CA ALA A 172 -12.67 -22.40 1.74
C ALA A 172 -12.74 -23.64 0.88
N ARG A 173 -13.26 -24.74 1.42
CA ARG A 173 -13.32 -25.98 0.64
C ARG A 173 -14.24 -25.88 -0.56
N ALA A 174 -15.11 -24.88 -0.61
CA ALA A 174 -15.81 -24.58 -1.85
C ALA A 174 -14.85 -24.13 -2.93
N ASN A 175 -13.87 -23.30 -2.57
CA ASN A 175 -12.88 -22.81 -3.53
C ASN A 175 -11.64 -23.69 -3.55
N ASN A 176 -11.83 -25.01 -3.63
CA ASN A 176 -10.76 -25.99 -3.80
C ASN A 176 -9.62 -25.76 -2.80
N TYR A 177 -9.95 -25.92 -1.53
CA TYR A 177 -8.98 -25.76 -0.46
C TYR A 177 -9.17 -26.87 0.56
N GLU A 178 -8.13 -27.11 1.35
CA GLU A 178 -8.22 -28.13 2.39
C GLU A 178 -8.90 -27.60 3.63
N ASP A 179 -8.47 -26.44 4.13
CA ASP A 179 -9.10 -25.80 5.27
C ASP A 179 -8.85 -24.30 5.16
N TYR A 180 -9.28 -23.55 6.18
CA TYR A 180 -9.10 -22.11 6.14
C TYR A 180 -7.63 -21.74 6.17
N GLY A 181 -6.78 -22.59 6.75
CA GLY A 181 -5.36 -22.32 6.74
C GLY A 181 -4.80 -22.24 5.34
N ASP A 182 -5.27 -23.10 4.44
CA ASP A 182 -4.84 -23.03 3.06
C ASP A 182 -5.25 -21.72 2.40
N TYR A 183 -6.49 -21.27 2.68
CA TYR A 183 -6.93 -19.99 2.12
C TYR A 183 -6.08 -18.84 2.65
N TRP A 184 -5.73 -18.88 3.93
CA TRP A 184 -4.91 -17.84 4.53
C TRP A 184 -3.51 -17.85 3.95
N ARG A 185 -2.94 -19.03 3.72
CA ARG A 185 -1.57 -19.16 3.19
C ARG A 185 -1.49 -18.98 1.68
N GLY A 186 -2.62 -19.01 0.97
CA GLY A 186 -2.60 -18.87 -0.47
C GLY A 186 -2.09 -17.53 -0.96
N ASP A 187 -1.96 -16.54 -0.09
CA ASP A 187 -1.44 -15.24 -0.48
C ASP A 187 0.02 -15.27 -0.91
N TYR A 188 0.74 -16.36 -0.62
CA TYR A 188 2.16 -16.46 -0.93
C TYR A 188 2.48 -17.46 -2.01
N GLU A 189 1.55 -18.33 -2.37
CA GLU A 189 1.83 -19.36 -3.37
C GLU A 189 2.02 -18.75 -4.74
N VAL A 190 3.10 -19.14 -5.42
CA VAL A 190 3.34 -18.79 -6.81
C VAL A 190 3.75 -20.05 -7.54
N THR A 191 3.00 -20.43 -8.58
CA THR A 191 3.25 -21.64 -9.33
C THR A 191 3.35 -21.29 -10.81
N GLY A 192 3.64 -22.30 -11.63
CA GLY A 192 3.78 -22.12 -13.06
C GLY A 192 5.10 -21.53 -13.50
N ALA A 193 6.03 -21.31 -12.58
CA ALA A 193 7.34 -20.75 -12.89
C ALA A 193 8.41 -21.75 -12.51
N GLY A 194 9.35 -21.99 -13.42
CA GLY A 194 10.44 -22.90 -13.11
C GLY A 194 11.40 -22.28 -12.11
N ASP A 195 11.78 -23.09 -11.12
CA ASP A 195 12.76 -22.72 -10.10
C ASP A 195 12.24 -21.64 -9.17
N TYR A 196 11.04 -21.12 -9.42
CA TYR A 196 10.37 -20.18 -8.53
C TYR A 196 9.03 -20.79 -8.16
N ASP A 197 9.03 -21.66 -7.15
CA ASP A 197 7.83 -22.36 -6.73
C ASP A 197 7.83 -22.47 -5.22
N TYR A 198 6.76 -21.97 -4.59
CA TYR A 198 6.69 -21.87 -3.14
C TYR A 198 5.31 -22.34 -2.71
N SER A 199 5.22 -23.58 -2.26
CA SER A 199 3.96 -24.16 -1.84
C SER A 199 3.57 -23.66 -0.46
N ARG A 200 2.31 -23.92 -0.08
CA ARG A 200 1.87 -23.58 1.26
C ARG A 200 2.62 -24.39 2.31
N ASP A 201 2.86 -25.67 2.03
CA ASP A 201 3.56 -26.51 2.99
C ASP A 201 5.01 -26.08 3.20
N GLN A 202 5.58 -25.35 2.26
CA GLN A 202 6.95 -24.86 2.45
C GLN A 202 7.00 -23.66 3.39
N LEU A 203 5.94 -22.84 3.42
CA LEU A 203 5.94 -21.69 4.32
C LEU A 203 5.95 -22.12 5.78
N MET A 204 5.27 -23.21 6.11
CA MET A 204 5.29 -23.72 7.48
C MET A 204 6.70 -24.07 7.90
N LYS A 205 7.43 -24.78 7.04
CA LYS A 205 8.81 -25.16 7.36
C LYS A 205 9.70 -23.92 7.41
N ASP A 206 9.48 -22.95 6.52
CA ASP A 206 10.26 -21.72 6.55
C ASP A 206 10.07 -20.99 7.87
N VAL A 207 8.83 -20.88 8.35
CA VAL A 207 8.57 -20.19 9.61
C VAL A 207 9.16 -20.97 10.77
N GLU A 208 9.01 -22.30 10.77
CA GLU A 208 9.52 -23.10 11.87
C GLU A 208 11.04 -23.10 11.91
N ARG A 209 11.70 -22.89 10.77
CA ARG A 209 13.16 -22.79 10.77
C ARG A 209 13.60 -21.38 11.13
N THR A 210 12.85 -20.37 10.70
CA THR A 210 13.19 -18.99 11.04
C THR A 210 13.07 -18.74 12.54
N PHE A 211 12.05 -19.31 13.18
CA PHE A 211 11.87 -19.10 14.61
C PHE A 211 12.96 -19.76 15.44
N ALA A 212 13.67 -20.76 14.89
CA ALA A 212 14.62 -21.51 15.70
C ALA A 212 15.89 -20.71 15.98
N GLU A 213 16.26 -19.78 15.11
CA GLU A 213 17.51 -19.04 15.26
C GLU A 213 17.35 -17.75 16.04
N ILE A 214 16.13 -17.38 16.45
CA ILE A 214 15.93 -16.22 17.30
C ILE A 214 15.74 -16.60 18.76
N LYS A 215 15.74 -17.89 19.09
CA LYS A 215 15.55 -18.31 20.47
C LYS A 215 16.63 -17.83 21.43
N PRO A 216 17.94 -17.87 21.11
CA PRO A 216 18.93 -17.40 22.09
C PRO A 216 18.75 -15.94 22.50
N LEU A 217 18.50 -15.06 21.54
CA LEU A 217 18.29 -13.65 21.88
C LEU A 217 17.07 -13.46 22.76
N TYR A 218 15.97 -14.13 22.41
CA TYR A 218 14.75 -14.01 23.21
C TYR A 218 14.96 -14.57 24.61
N GLU A 219 15.70 -15.68 24.72
CA GLU A 219 15.95 -16.25 26.04
C GLU A 219 16.78 -15.31 26.89
N GLN A 220 17.82 -14.70 26.31
CA GLN A 220 18.64 -13.78 27.09
C GLN A 220 17.83 -12.55 27.51
N LEU A 221 17.02 -12.00 26.60
CA LEU A 221 16.20 -10.85 26.96
C LEU A 221 15.18 -11.21 28.02
N HIS A 222 14.60 -12.42 27.92
CA HIS A 222 13.66 -12.89 28.92
C HIS A 222 14.30 -13.00 30.29
N ALA A 223 15.53 -13.53 30.33
CA ALA A 223 16.24 -13.63 31.60
C ALA A 223 16.52 -12.25 32.18
N TYR A 224 16.94 -11.30 31.34
CA TYR A 224 17.21 -9.95 31.82
C TYR A 224 15.95 -9.29 32.37
N VAL A 225 14.84 -9.41 31.64
CA VAL A 225 13.59 -8.81 32.07
C VAL A 225 13.10 -9.44 33.36
N ARG A 226 13.21 -10.77 33.48
CA ARG A 226 12.80 -11.44 34.71
C ARG A 226 13.66 -11.00 35.89
N ALA A 227 14.97 -10.87 35.68
CA ALA A 227 15.85 -10.43 36.76
C ALA A 227 15.49 -9.02 37.22
N LYS A 228 15.18 -8.13 36.27
CA LYS A 228 14.78 -6.78 36.65
C LYS A 228 13.43 -6.77 37.37
N LEU A 229 12.47 -7.56 36.88
CA LEU A 229 11.13 -7.54 37.44
C LEU A 229 11.09 -8.16 38.84
N MET A 230 11.99 -9.10 39.13
CA MET A 230 12.11 -9.59 40.50
C MET A 230 12.47 -8.44 41.43
N HIS A 231 13.43 -7.60 41.02
CA HIS A 231 13.83 -6.47 41.84
C HIS A 231 12.70 -5.45 41.98
N THR A 232 11.98 -5.17 40.88
CA THR A 232 10.97 -4.13 40.92
C THR A 232 9.77 -4.56 41.75
N TYR A 233 9.19 -5.72 41.46
CA TYR A 233 8.03 -6.20 42.19
C TYR A 233 8.47 -7.27 43.18
N PRO A 234 8.39 -7.03 44.48
CA PRO A 234 8.86 -8.04 45.45
C PRO A 234 7.78 -9.03 45.83
N SER A 235 8.24 -10.16 46.38
CA SER A 235 7.41 -11.22 46.94
C SER A 235 6.62 -11.98 45.88
N TYR A 236 6.72 -11.56 44.63
CA TYR A 236 6.07 -12.21 43.51
C TYR A 236 7.13 -12.60 42.49
N ILE A 237 6.67 -13.07 41.32
CA ILE A 237 7.48 -13.52 40.19
C ILE A 237 8.72 -14.27 40.66
N SER A 238 8.62 -15.59 40.76
CA SER A 238 9.69 -16.40 41.30
C SER A 238 10.98 -16.19 40.49
N PRO A 239 12.15 -16.23 41.13
CA PRO A 239 13.38 -15.87 40.41
C PRO A 239 13.63 -16.70 39.18
N THR A 240 13.25 -17.98 39.19
CA THR A 240 13.28 -18.82 38.00
C THR A 240 11.87 -19.28 37.69
N GLY A 241 11.44 -19.06 36.45
CA GLY A 241 10.09 -19.41 36.05
C GLY A 241 9.67 -18.61 34.84
N CYS A 242 8.35 -18.48 34.69
CA CYS A 242 7.74 -17.77 33.58
C CYS A 242 7.03 -16.52 34.06
N LEU A 243 6.87 -15.57 33.16
CA LEU A 243 6.23 -14.31 33.48
C LEU A 243 4.71 -14.47 33.57
N PRO A 244 4.06 -13.69 34.42
CA PRO A 244 2.59 -13.71 34.46
C PRO A 244 1.99 -13.08 33.21
N ALA A 245 0.75 -13.47 32.93
CA ALA A 245 0.07 -13.00 31.72
C ALA A 245 -0.12 -11.49 31.75
N HIS A 246 -0.57 -10.96 32.87
CA HIS A 246 -0.69 -9.52 33.06
C HIS A 246 0.69 -8.96 33.39
N LEU A 247 0.73 -7.73 33.89
CA LEU A 247 1.94 -7.10 34.43
C LEU A 247 2.97 -6.77 33.35
N LEU A 248 2.73 -7.13 32.09
CA LEU A 248 3.70 -6.93 31.02
C LEU A 248 3.37 -5.71 30.17
N GLY A 249 2.79 -4.67 30.75
CA GLY A 249 2.45 -3.50 30.00
C GLY A 249 1.13 -3.65 29.28
N ASP A 250 1.18 -3.91 27.98
CA ASP A 250 -0.03 -4.17 27.21
C ASP A 250 -0.68 -5.48 27.69
N MET A 251 -1.99 -5.56 27.53
CA MET A 251 -2.75 -6.72 27.96
C MET A 251 -2.32 -8.01 27.27
N TRP A 252 -2.51 -8.08 25.97
CA TRP A 252 -2.28 -9.30 25.21
C TRP A 252 -0.80 -9.62 25.06
N GLY A 253 0.08 -8.74 25.51
CA GLY A 253 1.51 -8.99 25.42
C GLY A 253 2.07 -8.84 24.02
N ARG A 254 1.36 -8.14 23.13
CA ARG A 254 1.86 -7.95 21.78
C ARG A 254 3.14 -7.13 21.78
N PHE A 255 3.19 -6.06 22.58
CA PHE A 255 4.33 -5.17 22.64
C PHE A 255 4.92 -5.18 24.05
N TRP A 256 6.22 -4.86 24.12
CA TRP A 256 6.93 -4.77 25.39
C TRP A 256 7.48 -3.37 25.63
N THR A 257 6.96 -2.36 24.93
CA THR A 257 7.52 -1.02 25.04
C THR A 257 7.23 -0.38 26.39
N ASN A 258 6.08 -0.69 27.00
CA ASN A 258 5.71 -0.06 28.25
C ASN A 258 6.55 -0.51 29.43
N LEU A 259 7.39 -1.53 29.26
CA LEU A 259 8.32 -1.96 30.29
C LEU A 259 9.69 -1.29 30.15
N TYR A 260 9.82 -0.32 29.24
CA TYR A 260 11.08 0.39 29.10
C TYR A 260 11.43 1.14 30.38
N SER A 261 10.45 1.76 31.02
CA SER A 261 10.70 2.43 32.28
C SER A 261 11.13 1.44 33.35
N LEU A 262 10.52 0.25 33.37
CA LEU A 262 10.89 -0.76 34.35
C LEU A 262 12.32 -1.24 34.15
N THR A 263 12.73 -1.46 32.89
CA THR A 263 14.03 -2.01 32.57
C THR A 263 14.81 -1.02 31.71
N VAL A 264 15.73 -0.30 32.32
CA VAL A 264 16.62 0.62 31.61
C VAL A 264 18.06 0.15 31.79
N PRO A 265 18.86 0.15 30.73
CA PRO A 265 20.24 -0.35 30.86
C PRO A 265 21.10 0.51 31.78
N PHE A 266 21.19 1.80 31.49
CA PHE A 266 22.04 2.72 32.24
C PHE A 266 21.24 3.96 32.59
N GLU A 267 20.92 4.13 33.87
CA GLU A 267 20.16 5.27 34.33
C GLU A 267 21.04 6.51 34.42
N HIS A 268 20.44 7.60 34.90
CA HIS A 268 21.14 8.86 35.18
C HIS A 268 21.77 9.47 33.94
N LYS A 269 21.36 9.05 32.76
CA LYS A 269 21.84 9.61 31.51
C LYS A 269 20.66 9.81 30.57
N PRO A 270 20.70 10.86 29.75
CA PRO A 270 19.57 11.14 28.86
C PRO A 270 19.76 10.53 27.47
N SER A 271 18.67 9.96 26.96
CA SER A 271 18.65 9.51 25.59
C SER A 271 18.52 10.72 24.65
N ILE A 272 18.75 10.47 23.36
CA ILE A 272 18.66 11.54 22.37
C ILE A 272 17.20 11.96 22.25
N ASP A 273 16.92 13.23 22.54
CA ASP A 273 15.56 13.78 22.54
C ASP A 273 15.59 15.08 21.75
N VAL A 274 15.43 14.98 20.43
CA VAL A 274 15.48 16.16 19.56
C VAL A 274 14.05 16.69 19.50
N THR A 275 13.66 17.39 20.57
CA THR A 275 12.40 18.11 20.61
C THR A 275 12.53 19.54 21.07
N GLU A 276 13.57 19.89 21.84
CA GLU A 276 13.86 21.27 22.15
C GLU A 276 14.72 21.94 21.10
N LYS A 277 15.54 21.17 20.39
CA LYS A 277 16.26 21.71 19.24
C LYS A 277 15.31 22.07 18.11
N MET A 278 14.11 21.48 18.08
CA MET A 278 13.07 21.86 17.15
C MET A 278 12.14 22.94 17.69
N GLU A 279 12.29 23.30 18.97
CA GLU A 279 11.44 24.31 19.58
C GLU A 279 12.12 25.67 19.70
N ASN A 280 13.34 25.69 20.27
CA ASN A 280 14.06 26.96 20.33
C ASN A 280 14.36 27.48 18.93
N GLN A 281 14.78 26.60 18.03
CA GLN A 281 14.94 26.94 16.62
C GLN A 281 13.62 26.64 15.93
N SER A 282 12.88 27.71 15.59
CA SER A 282 11.51 27.56 15.12
C SER A 282 11.44 26.66 13.89
N TRP A 283 10.49 25.73 13.92
CA TRP A 283 10.32 24.74 12.86
C TRP A 283 8.86 24.34 12.82
N ASP A 284 8.19 24.63 11.69
CA ASP A 284 6.76 24.43 11.55
C ASP A 284 6.46 23.08 10.90
N ALA A 285 5.18 22.84 10.63
CA ALA A 285 4.73 21.55 10.14
C ALA A 285 5.05 21.32 8.68
N GLU A 286 5.05 22.38 7.86
CA GLU A 286 5.30 22.21 6.44
C GLU A 286 6.71 21.69 6.19
N ARG A 287 7.71 22.33 6.81
CA ARG A 287 9.09 21.91 6.62
C ARG A 287 9.34 20.52 7.17
N ILE A 288 8.51 20.04 8.10
CA ILE A 288 8.71 18.73 8.69
C ILE A 288 8.73 17.65 7.61
N PHE A 289 7.80 17.73 6.66
CA PHE A 289 7.84 16.81 5.52
C PHE A 289 8.47 17.40 4.28
N LYS A 290 8.69 18.72 4.22
CA LYS A 290 9.50 19.26 3.13
C LYS A 290 10.93 18.72 3.19
N GLU A 291 11.51 18.67 4.39
CA GLU A 291 12.85 18.11 4.53
C GLU A 291 12.85 16.61 4.25
N ALA A 292 11.75 15.92 4.56
CA ALA A 292 11.66 14.51 4.20
C ALA A 292 11.64 14.33 2.69
N GLU A 293 10.90 15.17 1.98
CA GLU A 293 10.95 15.14 0.52
C GLU A 293 12.36 15.44 0.02
N LYS A 294 13.06 16.35 0.69
CA LYS A 294 14.46 16.62 0.35
C LYS A 294 15.32 15.37 0.50
N PHE A 295 15.11 14.61 1.58
CA PHE A 295 15.86 13.38 1.78
C PHE A 295 15.55 12.36 0.69
N PHE A 296 14.27 12.21 0.35
CA PHE A 296 13.90 11.29 -0.73
C PHE A 296 14.52 11.70 -2.06
N VAL A 297 14.66 13.01 -2.28
CA VAL A 297 15.34 13.49 -3.48
C VAL A 297 16.84 13.16 -3.40
N SER A 298 17.41 13.29 -2.19
CA SER A 298 18.83 13.01 -2.01
C SER A 298 19.16 11.55 -2.24
N ILE A 299 18.20 10.65 -2.01
CA ILE A 299 18.43 9.23 -2.26
C ILE A 299 18.16 8.93 -3.73
N SER A 300 17.98 9.99 -4.53
CA SER A 300 17.77 9.88 -5.97
C SER A 300 16.46 9.16 -6.30
N LEU A 301 15.37 9.77 -5.86
CA LEU A 301 14.01 9.33 -6.15
C LEU A 301 13.20 10.50 -6.65
N PRO A 302 12.14 10.26 -7.43
CA PRO A 302 11.40 11.38 -8.04
C PRO A 302 10.75 12.28 -7.01
N TYR A 303 10.53 13.54 -7.42
CA TYR A 303 9.88 14.53 -6.58
C TYR A 303 8.41 14.16 -6.35
N MET A 304 7.72 14.98 -5.57
CA MET A 304 6.30 14.82 -5.32
C MET A 304 5.51 15.77 -6.21
N THR A 305 4.43 15.26 -6.78
CA THR A 305 3.65 16.03 -7.74
C THR A 305 2.96 17.21 -7.07
N GLN A 306 2.60 18.20 -7.88
CA GLN A 306 1.90 19.37 -7.37
C GLN A 306 0.50 19.04 -6.87
N GLY A 307 -0.09 17.95 -7.34
CA GLY A 307 -1.42 17.54 -6.89
C GLY A 307 -1.42 16.99 -5.49
N PHE A 308 -0.38 17.28 -4.72
CA PHE A 308 -0.23 16.82 -3.35
C PHE A 308 -0.16 17.94 -2.33
N TRP A 309 0.38 19.10 -2.70
CA TRP A 309 0.54 20.19 -1.74
C TRP A 309 -0.67 21.13 -1.69
N ASP A 310 -1.63 20.98 -2.60
CA ASP A 310 -2.78 21.88 -2.62
C ASP A 310 -3.95 21.37 -1.79
N ASN A 311 -4.23 20.07 -1.86
CA ASN A 311 -5.45 19.52 -1.30
C ASN A 311 -5.23 18.63 -0.08
N SER A 312 -4.07 18.01 0.07
CA SER A 312 -3.86 17.08 1.16
C SER A 312 -3.88 17.80 2.50
N MET A 313 -4.53 17.18 3.48
CA MET A 313 -4.61 17.73 4.83
C MET A 313 -3.41 17.27 5.64
N LEU A 314 -2.68 18.23 6.20
CA LEU A 314 -1.40 17.95 6.84
C LEU A 314 -1.28 18.60 8.22
N THR A 315 -2.38 19.06 8.79
CA THR A 315 -2.34 19.74 10.08
C THR A 315 -3.69 19.59 10.76
N GLU A 316 -3.85 20.30 11.87
CA GLU A 316 -5.11 20.27 12.60
C GLU A 316 -6.21 20.85 11.73
N PRO A 317 -7.43 20.29 11.80
CA PRO A 317 -8.55 20.83 11.02
C PRO A 317 -8.68 22.34 11.10
N GLY A 318 -8.86 22.87 12.30
CA GLY A 318 -8.84 24.31 12.51
C GLY A 318 -9.93 25.07 11.79
N ASP A 319 -10.98 24.40 11.32
CA ASP A 319 -12.07 25.10 10.66
C ASP A 319 -13.43 24.54 11.06
N GLY A 320 -13.52 23.89 12.23
CA GLY A 320 -14.79 23.41 12.73
C GLY A 320 -15.18 22.02 12.27
N ARG A 321 -14.42 21.40 11.38
CA ARG A 321 -14.73 20.04 10.96
C ARG A 321 -14.31 19.04 12.03
N LYS A 322 -15.11 17.98 12.17
CA LYS A 322 -14.83 16.89 13.09
C LYS A 322 -14.31 15.70 12.29
N VAL A 323 -13.05 15.34 12.51
CA VAL A 323 -12.43 14.21 11.84
C VAL A 323 -11.53 13.49 12.83
N VAL A 324 -11.51 12.15 12.74
CA VAL A 324 -10.61 11.32 13.53
C VAL A 324 -9.42 11.01 12.63
N CYS A 325 -8.25 11.54 13.00
CA CYS A 325 -7.07 11.47 12.14
C CYS A 325 -6.11 10.42 12.69
N HIS A 326 -5.74 9.47 11.83
CA HIS A 326 -4.66 8.52 12.05
C HIS A 326 -3.76 8.58 10.84
N PRO A 327 -2.44 8.48 11.02
CA PRO A 327 -1.53 8.69 9.89
C PRO A 327 -1.70 7.66 8.78
N THR A 328 -2.17 8.10 7.62
CA THR A 328 -2.30 7.25 6.45
C THR A 328 -1.75 7.98 5.23
N ALA A 329 -1.70 7.25 4.11
CA ALA A 329 -1.28 7.82 2.82
C ALA A 329 -2.11 7.13 1.74
N TRP A 330 -3.17 7.81 1.30
CA TRP A 330 -4.08 7.24 0.34
C TRP A 330 -3.45 7.20 -1.06
N ASP A 331 -4.03 6.37 -1.91
CA ASP A 331 -3.71 6.33 -3.34
C ASP A 331 -5.07 6.34 -4.04
N LEU A 332 -5.52 7.52 -4.45
CA LEU A 332 -6.89 7.67 -4.93
C LEU A 332 -7.09 7.09 -6.33
N GLY A 333 -6.01 6.85 -7.08
CA GLY A 333 -6.17 6.30 -8.40
C GLY A 333 -5.33 6.98 -9.48
N LYS A 334 -6.01 7.60 -10.45
CA LYS A 334 -5.35 8.13 -11.65
C LYS A 334 -4.55 9.38 -11.29
N GLY A 335 -3.33 9.15 -10.81
CA GLY A 335 -2.38 10.21 -10.61
C GLY A 335 -2.47 10.95 -9.29
N ASP A 336 -3.46 10.62 -8.45
CA ASP A 336 -3.65 11.34 -7.20
C ASP A 336 -2.91 10.65 -6.06
N PHE A 337 -2.23 11.44 -5.23
CA PHE A 337 -1.48 10.91 -4.10
C PHE A 337 -1.61 11.90 -2.95
N ARG A 338 -2.31 11.49 -1.89
CA ARG A 338 -2.66 12.38 -0.79
C ARG A 338 -2.30 11.74 0.53
N ILE A 339 -1.98 12.58 1.52
CA ILE A 339 -1.61 12.13 2.86
C ILE A 339 -2.42 12.94 3.87
N LYS A 340 -3.06 12.24 4.80
CA LYS A 340 -3.84 12.86 5.86
C LYS A 340 -3.19 12.52 7.20
N MET A 341 -2.84 13.55 7.97
CA MET A 341 -2.15 13.32 9.24
C MET A 341 -2.20 14.59 10.07
N CYS A 342 -2.52 14.44 11.35
CA CYS A 342 -2.46 15.53 12.31
C CYS A 342 -1.03 15.65 12.81
N THR A 343 -0.38 16.78 12.53
CA THR A 343 1.05 16.94 12.74
C THR A 343 1.33 17.75 14.00
N LYS A 344 2.26 17.25 14.82
CA LYS A 344 2.74 17.97 15.99
C LYS A 344 4.26 17.84 16.03
N VAL A 345 4.91 18.77 16.71
CA VAL A 345 6.37 18.87 16.65
C VAL A 345 7.05 17.95 17.66
N THR A 346 7.29 16.70 17.25
CA THR A 346 8.02 15.73 18.06
C THR A 346 8.78 14.81 17.10
N MET A 347 9.53 13.85 17.67
CA MET A 347 10.13 12.82 16.83
C MET A 347 9.08 11.87 16.28
N ASP A 348 8.05 11.57 17.06
CA ASP A 348 7.08 10.56 16.62
C ASP A 348 6.43 10.96 15.31
N ASP A 349 5.97 12.21 15.22
CA ASP A 349 5.36 12.69 13.98
C ASP A 349 6.37 12.72 12.84
N PHE A 350 7.63 13.06 13.15
CA PHE A 350 8.66 13.12 12.11
C PHE A 350 8.89 11.74 11.50
N LEU A 351 9.12 10.74 12.35
CA LEU A 351 9.34 9.38 11.86
C LEU A 351 8.10 8.81 11.19
N THR A 352 6.91 9.12 11.72
CA THR A 352 5.69 8.67 11.08
C THR A 352 5.54 9.28 9.69
N ALA A 353 5.87 10.57 9.54
CA ALA A 353 5.83 11.20 8.24
C ALA A 353 6.81 10.55 7.28
N HIS A 354 8.01 10.23 7.77
CA HIS A 354 8.97 9.51 6.94
C HIS A 354 8.39 8.19 6.45
N HIS A 355 7.75 7.44 7.36
CA HIS A 355 7.16 6.15 7.00
C HIS A 355 6.07 6.30 5.95
N GLU A 356 5.15 7.26 6.17
CA GLU A 356 4.03 7.43 5.25
C GLU A 356 4.50 7.90 3.88
N MET A 357 5.45 8.83 3.83
CA MET A 357 5.99 9.27 2.56
C MET A 357 6.74 8.14 1.84
N GLY A 358 7.48 7.33 2.59
CA GLY A 358 8.16 6.21 1.96
C GLY A 358 7.20 5.24 1.30
N HIS A 359 6.14 4.87 2.02
CA HIS A 359 5.24 3.89 1.40
C HIS A 359 4.30 4.51 0.37
N ILE A 360 4.04 5.83 0.45
CA ILE A 360 3.29 6.45 -0.64
C ILE A 360 4.15 6.58 -1.89
N GLN A 361 5.46 6.79 -1.73
CA GLN A 361 6.35 6.75 -2.89
C GLN A 361 6.43 5.35 -3.47
N TYR A 362 6.40 4.32 -2.61
CA TYR A 362 6.29 2.96 -3.10
C TYR A 362 5.02 2.77 -3.91
N ASP A 363 3.89 3.30 -3.41
CA ASP A 363 2.64 3.20 -4.14
C ASP A 363 2.72 3.90 -5.49
N MET A 364 3.35 5.07 -5.53
CA MET A 364 3.49 5.82 -6.77
C MET A 364 4.46 5.14 -7.75
N ALA A 365 5.38 4.31 -7.25
CA ALA A 365 6.41 3.75 -8.11
C ALA A 365 5.81 2.87 -9.21
N TYR A 366 4.81 2.05 -8.89
CA TYR A 366 4.25 1.10 -9.84
C TYR A 366 2.97 1.61 -10.48
N ALA A 367 2.85 2.92 -10.71
CA ALA A 367 1.63 3.48 -11.26
C ALA A 367 1.35 3.03 -12.69
N ALA A 368 2.38 2.57 -13.41
CA ALA A 368 2.20 2.17 -14.80
C ALA A 368 1.54 0.81 -14.95
N GLN A 369 1.55 -0.01 -13.91
CA GLN A 369 0.98 -1.34 -13.99
C GLN A 369 -0.55 -1.26 -14.09
N PRO A 370 -1.19 -2.29 -14.64
CA PRO A 370 -2.66 -2.28 -14.75
C PRO A 370 -3.32 -2.25 -13.38
N TYR A 371 -4.64 -2.09 -13.40
CA TYR A 371 -5.39 -1.92 -12.16
C TYR A 371 -5.29 -3.16 -11.28
N LEU A 372 -5.33 -4.35 -11.89
CA LEU A 372 -5.29 -5.59 -11.13
C LEU A 372 -3.92 -5.88 -10.51
N LEU A 373 -2.88 -5.12 -10.87
CA LEU A 373 -1.54 -5.34 -10.34
C LEU A 373 -0.98 -4.10 -9.65
N ARG A 374 -1.84 -3.17 -9.24
CA ARG A 374 -1.38 -1.97 -8.53
C ARG A 374 -1.34 -2.25 -7.02
N ASN A 375 -0.38 -3.09 -6.64
CA ASN A 375 -0.20 -3.46 -5.24
C ASN A 375 1.24 -3.89 -5.04
N GLY A 376 1.58 -4.15 -3.78
CA GLY A 376 2.89 -4.66 -3.45
C GLY A 376 3.03 -6.11 -3.86
N ALA A 377 4.28 -6.59 -3.83
CA ALA A 377 4.55 -7.95 -4.26
C ALA A 377 3.83 -8.97 -3.39
N ASN A 378 3.82 -8.74 -2.07
CA ASN A 378 2.98 -9.49 -1.16
C ASN A 378 2.43 -8.52 -0.12
N GLU A 379 1.60 -9.03 0.79
CA GLU A 379 0.92 -8.17 1.74
C GLU A 379 1.85 -7.56 2.78
N GLY A 380 3.10 -8.03 2.88
CA GLY A 380 4.03 -7.53 3.85
C GLY A 380 5.06 -6.54 3.35
N PHE A 381 5.04 -6.20 2.06
CA PHE A 381 6.06 -5.32 1.52
C PHE A 381 5.85 -3.86 1.88
N HIS A 382 4.60 -3.39 1.90
CA HIS A 382 4.35 -1.97 2.12
C HIS A 382 4.85 -1.51 3.48
N GLU A 383 4.46 -2.22 4.54
CA GLU A 383 4.84 -1.82 5.88
C GLU A 383 6.35 -1.92 6.09
N ALA A 384 6.97 -3.00 5.59
CA ALA A 384 8.41 -3.16 5.76
C ALA A 384 9.18 -2.09 4.99
N VAL A 385 8.77 -1.81 3.75
CA VAL A 385 9.44 -0.79 2.95
C VAL A 385 9.31 0.57 3.62
N GLY A 386 8.12 0.88 4.13
CA GLY A 386 7.95 2.14 4.83
C GLY A 386 8.79 2.23 6.09
N GLU A 387 8.89 1.12 6.83
CA GLU A 387 9.61 1.13 8.10
C GLU A 387 11.12 1.17 7.92
N ILE A 388 11.62 0.67 6.78
CA ILE A 388 13.07 0.69 6.55
C ILE A 388 13.60 2.11 6.61
N MET A 389 12.93 3.03 5.92
CA MET A 389 13.43 4.40 5.85
C MET A 389 13.18 5.17 7.14
N SER A 390 12.12 4.84 7.87
CA SER A 390 11.95 5.40 9.21
C SER A 390 13.08 4.97 10.14
N LEU A 391 13.48 3.70 10.04
CA LEU A 391 14.63 3.22 10.82
C LEU A 391 15.91 3.91 10.39
N SER A 392 16.10 4.09 9.08
CA SER A 392 17.32 4.70 8.58
C SER A 392 17.40 6.18 8.91
N ALA A 393 16.26 6.84 9.08
CA ALA A 393 16.24 8.27 9.39
C ALA A 393 16.43 8.57 10.86
N ALA A 394 16.48 7.54 11.72
CA ALA A 394 16.61 7.73 13.15
C ALA A 394 18.06 7.76 13.63
N THR A 395 19.02 7.64 12.73
CA THR A 395 20.41 7.60 13.11
C THR A 395 20.88 8.97 13.60
N PRO A 396 21.90 9.01 14.46
CA PRO A 396 22.47 10.30 14.85
C PRO A 396 23.34 10.94 13.79
N HIS A 397 23.86 10.18 12.83
CA HIS A 397 24.64 10.77 11.75
C HIS A 397 23.75 11.61 10.84
N TYR A 398 22.61 11.05 10.42
CA TYR A 398 21.68 11.82 9.59
C TYR A 398 21.08 12.99 10.36
N LEU A 399 20.78 12.79 11.64
CA LEU A 399 20.25 13.88 12.45
C LEU A 399 21.27 15.01 12.57
N LYS A 400 22.55 14.66 12.76
CA LYS A 400 23.58 15.69 12.82
C LYS A 400 23.74 16.39 11.47
N ALA A 401 23.64 15.64 10.38
CA ALA A 401 23.77 16.24 9.06
C ALA A 401 22.67 17.27 8.80
N LEU A 402 21.45 16.97 9.21
CA LEU A 402 20.33 17.88 9.04
C LEU A 402 20.43 19.10 9.95
N GLY A 403 21.38 19.12 10.89
CA GLY A 403 21.58 20.25 11.76
C GLY A 403 20.82 20.21 13.06
N LEU A 404 20.06 19.15 13.33
CA LEU A 404 19.27 19.08 14.54
C LEU A 404 20.08 18.77 15.79
N LEU A 405 21.27 18.22 15.65
CA LEU A 405 22.08 17.82 16.79
C LEU A 405 23.29 18.74 16.89
N ALA A 406 23.83 18.86 18.10
CA ALA A 406 24.97 19.72 18.33
C ALA A 406 26.18 19.21 17.57
N PRO A 407 26.87 20.09 16.83
CA PRO A 407 28.10 19.67 16.13
C PRO A 407 29.12 19.03 17.07
N ASP A 408 29.23 19.58 18.28
CA ASP A 408 30.22 19.13 19.26
C ASP A 408 29.62 18.04 20.15
N PHE A 409 29.13 16.99 19.51
CA PHE A 409 28.48 15.88 20.19
C PHE A 409 29.13 14.57 19.76
N HIS A 410 29.50 13.74 20.73
CA HIS A 410 30.09 12.43 20.49
C HIS A 410 29.19 11.37 21.09
N GLU A 411 28.82 10.38 20.27
CA GLU A 411 27.88 9.36 20.70
C GLU A 411 28.54 8.44 21.71
N ASP A 412 28.03 8.42 22.94
CA ASP A 412 28.61 7.61 23.98
C ASP A 412 28.17 6.16 23.85
N ASN A 413 28.91 5.26 24.51
CA ASN A 413 28.56 3.85 24.51
C ASN A 413 27.22 3.61 25.21
N GLU A 414 26.99 4.29 26.34
CA GLU A 414 25.75 4.07 27.06
C GLU A 414 24.54 4.47 26.24
N THR A 415 24.62 5.59 25.51
CA THR A 415 23.47 6.04 24.73
C THR A 415 23.15 5.07 23.60
N GLU A 416 24.17 4.54 22.93
CA GLU A 416 23.89 3.58 21.86
C GLU A 416 23.37 2.26 22.42
N ILE A 417 23.85 1.85 23.60
CA ILE A 417 23.30 0.66 24.23
C ILE A 417 21.81 0.87 24.55
N ASN A 418 21.47 2.03 25.09
CA ASN A 418 20.08 2.33 25.41
C ASN A 418 19.23 2.36 24.15
N PHE A 419 19.75 2.94 23.07
CA PHE A 419 19.01 2.95 21.80
C PHE A 419 18.77 1.54 21.28
N LEU A 420 19.80 0.69 21.33
CA LEU A 420 19.66 -0.67 20.85
C LEU A 420 18.61 -1.43 21.67
N LEU A 421 18.65 -1.29 23.00
CA LEU A 421 17.67 -1.98 23.82
C LEU A 421 16.27 -1.43 23.62
N LYS A 422 16.14 -0.11 23.40
CA LYS A 422 14.82 0.46 23.16
C LYS A 422 14.22 -0.07 21.87
N GLN A 423 15.02 -0.20 20.82
CA GLN A 423 14.52 -0.82 19.60
C GLN A 423 14.20 -2.30 19.81
N ALA A 424 15.04 -3.01 20.56
CA ALA A 424 14.83 -4.44 20.77
C ALA A 424 13.54 -4.71 21.53
N LEU A 425 13.25 -3.89 22.54
CA LEU A 425 12.06 -4.12 23.36
C LEU A 425 10.78 -4.11 22.53
N THR A 426 10.75 -3.35 21.45
CA THR A 426 9.58 -3.26 20.60
C THR A 426 9.64 -4.16 19.38
N ILE A 427 10.85 -4.51 18.91
CA ILE A 427 10.98 -5.32 17.70
C ILE A 427 10.85 -6.80 18.02
N VAL A 428 11.71 -7.31 18.91
CA VAL A 428 11.73 -8.74 19.21
C VAL A 428 10.69 -9.15 20.24
N GLY A 429 9.94 -8.20 20.80
CA GLY A 429 8.89 -8.55 21.73
C GLY A 429 7.59 -8.99 21.09
N THR A 430 7.46 -8.82 19.78
CA THR A 430 6.25 -9.21 19.07
C THR A 430 6.42 -10.48 18.25
N LEU A 431 7.65 -10.85 17.92
CA LEU A 431 7.87 -12.02 17.06
C LEU A 431 7.37 -13.32 17.66
N PRO A 432 7.75 -13.71 18.89
CA PRO A 432 7.29 -15.01 19.40
C PRO A 432 5.82 -15.03 19.79
N PHE A 433 5.22 -13.88 20.09
CA PHE A 433 3.78 -13.84 20.32
C PHE A 433 3.00 -13.92 19.01
N THR A 434 3.47 -13.24 17.97
CA THR A 434 2.81 -13.35 16.67
C THR A 434 2.89 -14.77 16.12
N TYR A 435 4.07 -15.40 16.23
CA TYR A 435 4.21 -16.78 15.77
C TYR A 435 3.31 -17.70 16.59
N MET A 436 3.24 -17.48 17.91
CA MET A 436 2.35 -18.23 18.77
C MET A 436 0.91 -18.14 18.29
N LEU A 437 0.41 -16.92 18.10
CA LEU A 437 -0.98 -16.73 17.73
C LEU A 437 -1.29 -17.36 16.37
N GLU A 438 -0.41 -17.14 15.40
CA GLU A 438 -0.67 -17.69 14.07
C GLU A 438 -0.61 -19.22 14.08
N LYS A 439 0.32 -19.80 14.84
CA LYS A 439 0.40 -21.26 14.92
C LYS A 439 -0.86 -21.82 15.55
N TRP A 440 -1.35 -21.20 16.62
CA TRP A 440 -2.59 -21.69 17.23
C TRP A 440 -3.77 -21.55 16.29
N ARG A 441 -3.86 -20.44 15.56
CA ARG A 441 -4.95 -20.25 14.62
C ARG A 441 -4.92 -21.30 13.54
N TRP A 442 -3.75 -21.56 12.97
CA TRP A 442 -3.62 -22.57 11.92
C TRP A 442 -3.98 -23.95 12.45
N MET A 443 -3.42 -24.32 13.60
CA MET A 443 -3.65 -25.63 14.18
C MET A 443 -5.10 -25.84 14.62
N VAL A 444 -5.83 -24.77 14.93
CA VAL A 444 -7.24 -24.92 15.25
C VAL A 444 -8.13 -24.85 14.02
N PHE A 445 -7.67 -24.22 12.93
CA PHE A 445 -8.42 -24.27 11.69
C PHE A 445 -8.32 -25.64 11.05
N LYS A 446 -7.14 -26.27 11.13
CA LYS A 446 -6.98 -27.61 10.61
C LYS A 446 -7.75 -28.65 11.42
N GLY A 447 -8.28 -28.28 12.58
CA GLY A 447 -9.05 -29.21 13.38
C GLY A 447 -8.23 -30.28 14.05
N GLU A 448 -6.96 -30.03 14.31
CA GLU A 448 -6.12 -31.03 14.95
C GLU A 448 -6.59 -31.33 16.36
N ILE A 449 -6.93 -30.30 17.13
CA ILE A 449 -7.40 -30.49 18.51
C ILE A 449 -8.91 -30.58 18.54
N PRO A 450 -9.49 -31.27 19.51
CA PRO A 450 -10.95 -31.30 19.63
C PRO A 450 -11.49 -29.94 20.07
N LYS A 451 -12.79 -29.79 19.93
CA LYS A 451 -13.44 -28.56 20.37
C LYS A 451 -13.73 -28.57 21.87
N GLN A 452 -13.47 -29.67 22.56
CA GLN A 452 -13.63 -29.74 24.00
C GLN A 452 -12.41 -29.28 24.77
N GLN A 453 -11.25 -29.14 24.09
CA GLN A 453 -10.01 -28.68 24.71
C GLN A 453 -9.47 -27.56 23.83
N TRP A 454 -9.97 -26.34 24.04
CA TRP A 454 -9.59 -25.21 23.23
C TRP A 454 -8.64 -24.25 23.95
N MET A 455 -8.91 -23.96 25.22
CA MET A 455 -8.08 -23.06 26.00
C MET A 455 -7.01 -23.76 26.81
N GLU A 456 -7.25 -25.01 27.21
CA GLU A 456 -6.24 -25.77 27.93
C GLU A 456 -4.98 -25.92 27.09
N LYS A 457 -5.13 -26.38 25.85
CA LYS A 457 -3.99 -26.51 24.95
C LYS A 457 -3.38 -25.15 24.64
N TRP A 458 -4.22 -24.14 24.47
CA TRP A 458 -3.74 -22.78 24.20
C TRP A 458 -2.76 -22.34 25.28
N TRP A 459 -3.18 -22.43 26.54
CA TRP A 459 -2.31 -21.99 27.64
C TRP A 459 -1.10 -22.91 27.79
N GLU A 460 -1.32 -24.23 27.68
CA GLU A 460 -0.22 -25.17 27.92
C GLU A 460 0.89 -25.00 26.89
N MET A 461 0.53 -24.79 25.63
CA MET A 461 1.52 -24.68 24.57
C MET A 461 1.88 -23.23 24.24
N LYS A 462 1.25 -22.26 24.90
CA LYS A 462 1.81 -20.91 24.97
C LYS A 462 2.86 -20.76 26.06
N ARG A 463 2.68 -21.46 27.19
CA ARG A 463 3.67 -21.42 28.25
C ARG A 463 5.00 -22.03 27.83
N GLU A 464 5.05 -22.75 26.72
CA GLU A 464 6.25 -23.43 26.26
C GLU A 464 7.18 -22.48 25.49
N ILE A 465 6.65 -21.82 24.46
CA ILE A 465 7.50 -21.04 23.57
C ILE A 465 7.43 -19.53 23.82
N VAL A 466 6.33 -19.03 24.40
CA VAL A 466 6.27 -17.63 24.80
C VAL A 466 6.71 -17.54 26.25
N GLY A 467 6.41 -18.58 27.03
CA GLY A 467 6.78 -18.60 28.43
C GLY A 467 6.06 -17.57 29.27
N VAL A 468 4.76 -17.42 29.06
CA VAL A 468 3.93 -16.51 29.83
C VAL A 468 2.88 -17.33 30.56
N VAL A 469 2.86 -17.23 31.88
CA VAL A 469 1.96 -18.03 32.71
C VAL A 469 0.69 -17.23 32.97
N GLU A 470 -0.39 -17.92 33.30
CA GLU A 470 -1.68 -17.31 33.52
C GLU A 470 -2.20 -17.61 34.91
N PRO A 471 -2.62 -16.60 35.67
CA PRO A 471 -3.21 -16.86 37.00
C PRO A 471 -4.62 -17.39 36.86
N LEU A 472 -4.94 -18.40 37.69
CA LEU A 472 -6.23 -19.08 37.78
C LEU A 472 -6.56 -19.84 36.49
N PRO A 473 -7.23 -20.98 36.58
CA PRO A 473 -7.52 -21.77 35.38
C PRO A 473 -8.74 -21.24 34.64
N HIS A 474 -8.94 -21.78 33.42
CA HIS A 474 -10.07 -21.44 32.57
C HIS A 474 -10.56 -22.74 31.92
N ASP A 475 -11.59 -23.34 32.52
CA ASP A 475 -12.08 -24.65 32.10
C ASP A 475 -13.10 -24.56 30.97
N GLU A 476 -12.65 -24.16 29.78
CA GLU A 476 -13.49 -24.07 28.59
C GLU A 476 -14.77 -23.30 28.88
N THR A 477 -14.63 -22.14 29.51
CA THR A 477 -15.72 -21.22 29.74
C THR A 477 -15.29 -19.79 29.43
N TYR A 478 -14.04 -19.60 29.02
CA TYR A 478 -13.45 -18.28 28.83
C TYR A 478 -12.71 -18.30 27.49
N CYS A 479 -13.32 -17.73 26.45
CA CYS A 479 -12.69 -17.65 25.14
C CYS A 479 -11.59 -16.59 25.21
N ASP A 480 -10.36 -17.02 25.47
CA ASP A 480 -9.24 -16.12 25.70
C ASP A 480 -8.71 -15.41 24.46
N PRO A 481 -8.49 -16.10 23.32
CA PRO A 481 -7.90 -15.38 22.18
C PRO A 481 -8.84 -14.38 21.54
N ALA A 482 -10.08 -14.33 21.99
CA ALA A 482 -11.07 -13.42 21.42
C ALA A 482 -10.86 -11.97 21.84
N CYS A 483 -10.03 -11.73 22.85
CA CYS A 483 -9.79 -10.39 23.36
C CYS A 483 -9.10 -9.50 22.33
N LEU A 484 -8.22 -10.07 21.51
CA LEU A 484 -7.55 -9.29 20.49
C LEU A 484 -8.55 -8.79 19.46
N PHE A 485 -8.26 -7.60 18.92
CA PHE A 485 -9.12 -7.02 17.88
C PHE A 485 -8.93 -7.70 16.55
N HIS A 486 -7.70 -8.11 16.23
CA HIS A 486 -7.45 -8.76 14.94
C HIS A 486 -8.14 -10.11 14.86
N VAL A 487 -8.17 -10.85 15.95
CA VAL A 487 -8.83 -12.17 15.95
C VAL A 487 -10.34 -12.00 15.78
N ALA A 488 -10.92 -11.01 16.45
CA ALA A 488 -12.37 -10.84 16.39
C ALA A 488 -12.83 -10.38 15.01
N GLU A 489 -12.04 -9.54 14.34
CA GLU A 489 -12.42 -8.97 13.06
C GLU A 489 -11.89 -9.76 11.88
N ASP A 490 -11.26 -10.91 12.12
CA ASP A 490 -10.76 -11.79 11.06
C ASP A 490 -9.74 -11.05 10.17
N TYR A 491 -8.61 -10.72 10.79
CA TYR A 491 -7.51 -10.07 10.10
C TYR A 491 -6.28 -10.98 10.13
N SER A 492 -5.48 -10.90 9.07
CA SER A 492 -4.27 -11.72 8.96
C SER A 492 -3.20 -11.24 9.93
N PHE A 493 -2.47 -12.20 10.51
CA PHE A 493 -1.41 -11.90 11.46
C PHE A 493 -0.03 -12.32 11.00
N ILE A 494 0.08 -13.05 9.88
CA ILE A 494 1.40 -13.44 9.39
C ILE A 494 2.19 -12.24 8.91
N ARG A 495 1.52 -11.24 8.34
CA ARG A 495 2.21 -10.09 7.77
C ARG A 495 3.18 -9.46 8.78
N TYR A 496 2.75 -9.36 10.03
CA TYR A 496 3.59 -8.74 11.04
C TYR A 496 4.84 -9.58 11.32
N TYR A 497 4.75 -10.90 11.19
CA TYR A 497 5.91 -11.74 11.43
C TYR A 497 6.94 -11.62 10.32
N THR A 498 6.50 -11.63 9.07
CA THR A 498 7.42 -11.59 7.94
C THR A 498 7.91 -10.18 7.62
N ARG A 499 7.18 -9.15 8.05
CA ARG A 499 7.60 -7.79 7.75
C ARG A 499 8.95 -7.47 8.38
N THR A 500 9.15 -7.90 9.63
CA THR A 500 10.41 -7.63 10.31
C THR A 500 11.59 -8.29 9.59
N ILE A 501 11.42 -9.56 9.20
CA ILE A 501 12.48 -10.28 8.50
C ILE A 501 12.79 -9.60 7.17
N TYR A 502 11.73 -9.26 6.42
CA TYR A 502 11.93 -8.63 5.12
C TYR A 502 12.66 -7.30 5.26
N GLN A 503 12.24 -6.47 6.23
CA GLN A 503 12.87 -5.16 6.37
C GLN A 503 14.31 -5.28 6.85
N PHE A 504 14.61 -6.27 7.71
CA PHE A 504 15.97 -6.39 8.19
C PHE A 504 16.91 -6.97 7.14
N GLN A 505 16.39 -7.78 6.22
CA GLN A 505 17.22 -8.17 5.09
C GLN A 505 17.40 -7.02 4.12
N PHE A 506 16.35 -6.24 3.89
CA PHE A 506 16.43 -5.12 2.95
C PHE A 506 17.41 -4.07 3.43
N HIS A 507 17.42 -3.79 4.74
CA HIS A 507 18.33 -2.77 5.27
C HIS A 507 19.78 -3.14 5.01
N GLU A 508 20.17 -4.38 5.32
CA GLU A 508 21.54 -4.81 5.10
C GLU A 508 21.88 -4.83 3.62
N ALA A 509 20.98 -5.36 2.78
CA ALA A 509 21.26 -5.40 1.35
C ALA A 509 21.40 -4.01 0.76
N LEU A 510 20.61 -3.05 1.24
CA LEU A 510 20.66 -1.69 0.73
C LEU A 510 21.90 -0.96 1.21
N CYS A 511 22.30 -1.18 2.46
CA CYS A 511 23.46 -0.48 3.01
C CYS A 511 24.78 -1.15 2.70
N LYS A 512 24.77 -2.36 2.13
CA LYS A 512 26.01 -2.90 1.58
C LYS A 512 26.41 -2.20 0.29
N THR A 513 25.43 -1.82 -0.54
CA THR A 513 25.74 -1.09 -1.76
C THR A 513 26.08 0.37 -1.48
N ALA A 514 25.59 0.93 -0.39
CA ALA A 514 25.92 2.31 -0.03
C ALA A 514 27.36 2.48 0.41
N LYS A 515 28.09 1.38 0.60
CA LYS A 515 29.50 1.40 0.97
C LYS A 515 29.70 2.11 2.30
N HIS A 516 29.08 1.55 3.33
CA HIS A 516 29.25 2.01 4.71
C HIS A 516 30.08 0.98 5.46
N GLU A 517 31.14 1.44 6.12
CA GLU A 517 32.04 0.57 6.87
C GLU A 517 31.86 0.85 8.35
N GLY A 518 31.61 -0.20 9.12
CA GLY A 518 31.39 -0.06 10.54
C GLY A 518 30.20 -0.85 11.05
N ALA A 519 29.61 -0.40 12.15
CA ALA A 519 28.47 -1.12 12.71
C ALA A 519 27.24 -0.96 11.81
N LEU A 520 26.25 -1.82 12.04
CA LEU A 520 25.02 -1.80 11.27
C LEU A 520 23.90 -1.02 11.92
N PHE A 521 23.95 -0.84 13.24
CA PHE A 521 22.88 -0.13 13.93
C PHE A 521 23.01 1.38 13.86
N LYS A 522 24.13 1.90 13.32
CA LYS A 522 24.26 3.32 13.03
C LYS A 522 24.41 3.57 11.54
N CYS A 523 24.09 2.58 10.72
CA CYS A 523 24.17 2.74 9.27
C CYS A 523 23.09 3.68 8.77
N ASP A 524 23.45 4.51 7.79
CA ASP A 524 22.53 5.48 7.21
C ASP A 524 22.61 5.41 5.69
N ILE A 525 21.46 5.62 5.05
CA ILE A 525 21.35 5.57 3.59
C ILE A 525 20.92 6.95 3.13
N SER A 526 21.90 7.79 2.80
CA SER A 526 21.64 9.09 2.22
C SER A 526 22.81 9.45 1.31
N ASN A 527 22.53 10.28 0.29
CA ASN A 527 23.52 10.63 -0.72
C ASN A 527 24.12 9.36 -1.35
N SER A 528 23.23 8.45 -1.74
CA SER A 528 23.59 7.11 -2.20
C SER A 528 22.86 6.78 -3.49
N THR A 529 22.99 7.64 -4.49
CA THR A 529 22.17 7.58 -5.70
C THR A 529 22.16 6.18 -6.32
N GLU A 530 23.30 5.49 -6.33
CA GLU A 530 23.33 4.14 -6.88
C GLU A 530 22.49 3.18 -6.03
N ALA A 531 22.53 3.33 -4.70
CA ALA A 531 21.68 2.52 -3.84
C ALA A 531 20.21 2.86 -4.06
N GLY A 532 19.90 4.13 -4.29
CA GLY A 532 18.54 4.51 -4.61
C GLY A 532 18.05 3.87 -5.89
N GLN A 533 18.93 3.80 -6.91
CA GLN A 533 18.57 3.11 -8.14
C GLN A 533 18.35 1.63 -7.91
N ARG A 534 19.20 1.01 -7.10
CA ARG A 534 19.03 -0.41 -6.79
C ARG A 534 17.68 -0.67 -6.11
N LEU A 535 17.30 0.21 -5.17
CA LEU A 535 16.00 0.06 -4.51
C LEU A 535 14.85 0.33 -5.47
N LEU A 536 14.99 1.33 -6.35
CA LEU A 536 13.93 1.67 -7.28
C LEU A 536 13.70 0.54 -8.28
N GLN A 537 14.76 -0.21 -8.61
CA GLN A 537 14.59 -1.36 -9.48
C GLN A 537 13.57 -2.35 -8.91
N MET A 538 13.63 -2.60 -7.60
CA MET A 538 12.65 -3.48 -6.97
C MET A 538 11.31 -2.77 -6.83
N LEU A 539 11.32 -1.50 -6.45
CA LEU A 539 10.06 -0.79 -6.20
C LEU A 539 9.18 -0.73 -7.44
N ARG A 540 9.77 -0.46 -8.59
CA ARG A 540 9.00 -0.29 -9.81
C ARG A 540 8.49 -1.61 -10.39
N LEU A 541 8.94 -2.75 -9.86
CA LEU A 541 8.57 -4.04 -10.45
C LEU A 541 7.07 -4.31 -10.33
N GLY A 542 6.48 -3.96 -9.20
CA GLY A 542 5.06 -4.22 -9.04
C GLY A 542 4.79 -5.70 -8.79
N LYS A 543 3.53 -6.07 -8.98
CA LYS A 543 3.07 -7.43 -8.70
C LYS A 543 2.95 -8.29 -9.94
N SER A 544 3.42 -7.80 -11.09
CA SER A 544 3.33 -8.59 -12.31
C SER A 544 4.14 -9.87 -12.20
N GLU A 545 5.34 -9.76 -11.69
CA GLU A 545 6.32 -10.83 -11.52
C GLU A 545 6.34 -11.32 -10.07
N PRO A 546 6.57 -12.61 -9.87
CA PRO A 546 6.38 -13.21 -8.55
C PRO A 546 7.36 -12.66 -7.52
N TRP A 547 6.87 -12.48 -6.29
CA TRP A 547 7.59 -11.69 -5.30
C TRP A 547 9.01 -12.18 -5.08
N THR A 548 9.25 -13.47 -5.26
CA THR A 548 10.61 -13.98 -5.06
C THR A 548 11.57 -13.49 -6.13
N LEU A 549 11.08 -13.22 -7.35
CA LEU A 549 11.94 -12.55 -8.32
C LEU A 549 12.32 -11.16 -7.84
N ALA A 550 11.38 -10.45 -7.21
CA ALA A 550 11.71 -9.16 -6.61
C ALA A 550 12.74 -9.31 -5.50
N LEU A 551 12.59 -10.35 -4.68
CA LEU A 551 13.57 -10.61 -3.63
C LEU A 551 14.95 -10.85 -4.21
N GLU A 552 15.04 -11.65 -5.27
CA GLU A 552 16.33 -11.89 -5.91
C GLU A 552 16.88 -10.63 -6.55
N ASN A 553 16.02 -9.79 -7.11
CA ASN A 553 16.47 -8.55 -7.73
C ASN A 553 17.05 -7.60 -6.69
N ILE A 554 16.42 -7.49 -5.52
CA ILE A 554 16.89 -6.51 -4.55
C ILE A 554 18.05 -7.06 -3.74
N VAL A 555 18.05 -8.36 -3.44
CA VAL A 555 19.06 -8.93 -2.55
C VAL A 555 19.90 -9.94 -3.32
N GLY A 556 19.26 -10.99 -3.81
CA GLY A 556 19.95 -12.06 -4.50
C GLY A 556 19.84 -13.42 -3.84
N ILE A 557 19.14 -13.55 -2.71
CA ILE A 557 18.94 -14.81 -2.03
C ILE A 557 17.44 -15.11 -2.05
N LYS A 558 17.08 -16.31 -2.51
CA LYS A 558 15.67 -16.64 -2.67
C LYS A 558 14.96 -16.73 -1.33
N THR A 559 15.53 -17.48 -0.39
CA THR A 559 14.89 -17.71 0.90
C THR A 559 15.08 -16.50 1.82
N MET A 560 14.36 -16.53 2.94
CA MET A 560 14.47 -15.50 3.96
C MET A 560 15.22 -16.04 5.16
N ASP A 561 16.15 -15.25 5.69
CA ASP A 561 17.01 -15.66 6.77
C ASP A 561 16.97 -14.63 7.89
N VAL A 562 17.48 -15.04 9.06
CA VAL A 562 17.54 -14.16 10.22
C VAL A 562 18.96 -13.64 10.48
N LYS A 563 19.96 -14.17 9.79
CA LYS A 563 21.31 -13.65 9.95
C LYS A 563 21.41 -12.15 9.69
N PRO A 564 20.76 -11.57 8.68
CA PRO A 564 20.71 -10.10 8.62
C PRO A 564 20.05 -9.47 9.85
N LEU A 565 19.02 -10.11 10.40
CA LEU A 565 18.41 -9.60 11.63
C LEU A 565 19.36 -9.74 12.81
N LEU A 566 20.08 -10.86 12.89
CA LEU A 566 21.01 -11.06 13.99
C LEU A 566 22.24 -10.15 13.90
N ASN A 567 22.57 -9.69 12.70
CA ASN A 567 23.69 -8.75 12.56
C ASN A 567 23.41 -7.44 13.27
N TYR A 568 22.15 -6.99 13.23
CA TYR A 568 21.78 -5.75 13.90
C TYR A 568 21.97 -5.85 15.41
N PHE A 569 21.60 -6.99 16.00
CA PHE A 569 21.55 -7.16 17.44
C PHE A 569 22.77 -7.90 17.99
N GLU A 570 23.86 -7.97 17.23
CA GLU A 570 25.07 -8.58 17.77
C GLU A 570 25.66 -7.84 18.96
N PRO A 571 25.84 -6.52 18.95
CA PRO A 571 26.36 -5.86 20.16
C PRO A 571 25.46 -6.04 21.37
N LEU A 572 24.14 -6.06 21.16
CA LEU A 572 23.23 -6.30 22.27
C LEU A 572 23.45 -7.67 22.88
N PHE A 573 23.61 -8.69 22.04
CA PHE A 573 23.85 -10.04 22.56
C PHE A 573 25.19 -10.09 23.28
N THR A 574 26.21 -9.44 22.72
CA THR A 574 27.53 -9.44 23.35
C THR A 574 27.50 -8.79 24.73
N TRP A 575 26.76 -7.69 24.86
CA TRP A 575 26.67 -7.03 26.16
C TRP A 575 25.81 -7.84 27.14
N LEU A 576 24.68 -8.38 26.67
CA LEU A 576 23.78 -9.09 27.56
C LEU A 576 24.40 -10.36 28.10
N LYS A 577 25.24 -11.03 27.29
CA LYS A 577 25.92 -12.22 27.78
C LYS A 577 26.83 -11.87 28.95
N GLU A 578 27.49 -10.71 28.89
CA GLU A 578 28.34 -10.29 30.00
C GLU A 578 27.52 -9.86 31.20
N GLN A 579 26.35 -9.25 30.95
CA GLN A 579 25.49 -8.84 32.06
C GLN A 579 24.97 -10.05 32.85
N ASN A 580 24.55 -11.09 32.14
CA ASN A 580 24.02 -12.29 32.79
C ASN A 580 25.18 -13.25 33.04
N ARG A 581 25.64 -13.30 34.29
CA ARG A 581 26.70 -14.24 34.65
C ARG A 581 26.32 -15.00 35.91
N ASN A 582 25.46 -14.41 36.73
CA ASN A 582 24.98 -15.04 37.95
C ASN A 582 23.50 -15.40 37.88
N SER A 583 22.89 -15.33 36.71
CA SER A 583 21.49 -15.68 36.53
C SER A 583 21.37 -16.97 35.74
N PHE A 584 20.17 -17.54 35.75
CA PHE A 584 19.88 -18.80 35.06
C PHE A 584 18.87 -18.51 33.95
N VAL A 585 19.37 -18.47 32.72
CA VAL A 585 18.50 -18.26 31.57
C VAL A 585 17.66 -19.50 31.34
N GLY A 586 16.36 -19.31 31.13
CA GLY A 586 15.45 -20.41 30.89
C GLY A 586 14.13 -20.15 31.60
N TRP A 587 13.08 -20.76 31.09
CA TRP A 587 11.72 -20.59 31.61
C TRP A 587 11.08 -21.93 31.89
N SER A 588 11.79 -22.77 32.65
CA SER A 588 11.29 -24.09 33.02
C SER A 588 9.86 -24.02 33.52
N THR A 589 8.95 -24.67 32.78
CA THR A 589 7.52 -24.55 33.05
C THR A 589 7.08 -25.63 34.05
N GLU A 590 7.44 -25.39 35.30
CA GLU A 590 6.99 -26.24 36.40
C GLU A 590 6.18 -25.49 37.45
N TRP A 591 6.62 -24.29 37.82
CA TRP A 591 5.92 -23.51 38.83
C TRP A 591 4.65 -22.88 38.26
N THR A 592 3.67 -22.69 39.13
CA THR A 592 2.43 -22.03 38.80
C THR A 592 2.11 -20.95 39.82
N PRO A 593 1.44 -19.87 39.43
CA PRO A 593 1.07 -18.83 40.37
C PRO A 593 -0.27 -19.01 41.06
N TYR A 594 -1.14 -19.89 40.57
CA TYR A 594 -2.47 -20.06 41.13
C TYR A 594 -2.50 -21.06 42.28
N SER A 595 -1.39 -21.24 42.99
CA SER A 595 -1.37 -22.11 44.16
C SER A 595 -1.94 -21.34 45.34
N ASP A 596 -3.14 -21.71 45.77
CA ASP A 596 -3.82 -21.03 46.87
C ASP A 596 -3.14 -21.35 48.21
N THR B 3 -2.35 37.19 -43.49
CA THR B 3 -2.31 38.65 -43.50
C THR B 3 -3.64 39.25 -43.07
N ASN B 4 -4.73 38.51 -43.33
CA ASN B 4 -6.09 38.97 -43.00
C ASN B 4 -6.79 37.83 -42.26
N LEU B 5 -6.62 37.79 -40.95
CA LEU B 5 -7.29 36.82 -40.07
C LEU B 5 -7.07 35.39 -40.57
N CYS B 6 -5.80 35.04 -40.76
CA CYS B 6 -5.47 33.70 -41.23
C CYS B 6 -5.92 32.67 -40.19
N PRO B 7 -6.25 31.45 -40.63
CA PRO B 7 -6.75 30.45 -39.68
C PRO B 7 -5.73 30.04 -38.64
N PHE B 8 -4.48 30.47 -38.75
CA PHE B 8 -3.44 30.03 -37.83
C PHE B 8 -3.70 30.47 -36.39
N HIS B 9 -4.59 31.42 -36.17
CA HIS B 9 -5.03 31.80 -34.83
C HIS B 9 -6.47 31.40 -34.54
N GLU B 10 -7.35 31.51 -35.53
CA GLU B 10 -8.75 31.18 -35.34
C GLU B 10 -9.00 29.69 -35.29
N VAL B 11 -7.99 28.86 -35.57
CA VAL B 11 -8.12 27.42 -35.39
C VAL B 11 -7.67 26.97 -34.01
N PHE B 12 -7.01 27.83 -33.24
CA PHE B 12 -6.58 27.51 -31.89
C PHE B 12 -7.53 28.03 -30.82
N ASN B 13 -8.20 29.15 -31.06
CA ASN B 13 -9.07 29.77 -30.06
C ASN B 13 -10.50 29.24 -30.12
N ALA B 14 -10.73 28.10 -30.78
CA ALA B 14 -12.07 27.53 -30.83
C ALA B 14 -12.51 27.05 -29.45
N THR B 15 -13.81 27.17 -29.18
CA THR B 15 -14.34 26.84 -27.87
C THR B 15 -14.42 25.33 -27.67
N ARG B 16 -15.24 24.66 -28.47
CA ARG B 16 -15.46 23.21 -28.34
C ARG B 16 -14.70 22.48 -29.43
N PHE B 17 -13.87 21.53 -29.04
CA PHE B 17 -13.12 20.72 -29.99
C PHE B 17 -13.88 19.42 -30.23
N ALA B 18 -13.24 18.50 -30.95
CA ALA B 18 -13.86 17.25 -31.33
C ALA B 18 -13.18 16.07 -30.65
N SER B 19 -13.83 14.92 -30.74
CA SER B 19 -13.24 13.68 -30.24
C SER B 19 -12.03 13.31 -31.09
N VAL B 20 -11.26 12.33 -30.61
CA VAL B 20 -10.04 11.96 -31.32
C VAL B 20 -10.34 11.21 -32.61
N TYR B 21 -11.52 10.64 -32.76
CA TYR B 21 -11.86 9.86 -33.95
C TYR B 21 -12.72 10.62 -34.94
N ALA B 22 -12.99 11.89 -34.70
CA ALA B 22 -13.80 12.71 -35.59
C ALA B 22 -13.19 14.09 -35.75
N TRP B 23 -11.87 14.13 -35.97
CA TRP B 23 -11.16 15.40 -36.03
C TRP B 23 -11.67 16.25 -37.19
N ASN B 24 -11.69 17.56 -36.96
CA ASN B 24 -12.20 18.51 -37.96
C ASN B 24 -11.03 18.97 -38.81
N ARG B 25 -10.81 18.29 -39.92
CA ARG B 25 -9.76 18.69 -40.86
C ARG B 25 -10.15 19.99 -41.55
N THR B 26 -9.19 20.91 -41.66
CA THR B 26 -9.41 22.19 -42.31
C THR B 26 -8.34 22.40 -43.37
N ARG B 27 -8.77 22.78 -44.57
CA ARG B 27 -7.85 23.09 -45.66
C ARG B 27 -7.51 24.57 -45.62
N ILE B 28 -6.23 24.88 -45.48
CA ILE B 28 -5.76 26.26 -45.36
C ILE B 28 -5.59 26.83 -46.76
N SER B 29 -6.30 27.91 -47.05
CA SER B 29 -6.26 28.57 -48.35
C SER B 29 -5.08 29.54 -48.39
N ASN B 30 -5.08 30.42 -49.39
CA ASN B 30 -4.01 31.40 -49.57
C ASN B 30 -3.77 32.18 -48.28
N CYS B 31 -2.54 32.12 -47.78
CA CYS B 31 -2.19 32.78 -46.53
C CYS B 31 -0.68 32.91 -46.47
N VAL B 32 -0.21 33.75 -45.55
CA VAL B 32 1.22 33.93 -45.32
C VAL B 32 1.62 33.09 -44.10
N ALA B 33 2.75 32.40 -44.22
CA ALA B 33 3.14 31.39 -43.22
C ALA B 33 4.04 32.04 -42.17
N ASP B 34 3.41 32.86 -41.33
CA ASP B 34 4.10 33.48 -40.20
C ASP B 34 3.91 32.56 -39.00
N TYR B 35 4.83 31.62 -38.81
CA TYR B 35 4.77 30.68 -37.70
C TYR B 35 5.39 31.23 -36.42
N SER B 36 6.01 32.41 -36.48
CA SER B 36 6.60 33.04 -35.31
C SER B 36 5.62 33.88 -34.53
N VAL B 37 4.42 34.12 -35.07
CA VAL B 37 3.39 34.83 -34.32
C VAL B 37 2.57 33.87 -33.46
N LEU B 38 2.62 32.57 -33.73
CA LEU B 38 1.95 31.61 -32.85
C LEU B 38 2.53 31.63 -31.44
N TYR B 39 3.77 32.09 -31.30
CA TYR B 39 4.36 32.21 -29.96
C TYR B 39 3.58 33.18 -29.09
N ASN B 40 2.77 34.04 -29.68
CA ASN B 40 1.92 34.97 -28.94
C ASN B 40 0.59 34.34 -28.53
N PHE B 41 0.40 33.05 -28.78
CA PHE B 41 -0.78 32.33 -28.31
C PHE B 41 -0.31 31.27 -27.31
N ALA B 42 -0.34 31.61 -26.03
CA ALA B 42 -0.13 30.69 -24.90
C ALA B 42 1.31 30.18 -24.81
N PRO B 43 1.75 29.77 -23.62
CA PRO B 43 3.05 29.09 -23.50
C PRO B 43 2.96 27.60 -23.84
N PHE B 44 3.11 27.27 -25.12
CA PHE B 44 2.94 25.90 -25.58
C PHE B 44 3.74 24.92 -24.73
N PHE B 45 3.23 23.70 -24.63
CA PHE B 45 3.93 22.61 -23.96
C PHE B 45 4.83 21.84 -24.92
N ALA B 46 4.35 21.58 -26.13
CA ALA B 46 5.11 20.85 -27.13
C ALA B 46 5.17 21.65 -28.41
N PHE B 47 6.38 21.90 -28.90
CA PHE B 47 6.59 22.59 -30.17
C PHE B 47 7.53 21.84 -31.09
N LYS B 48 8.19 20.78 -30.61
CA LYS B 48 9.09 20.01 -31.47
C LYS B 48 8.34 19.49 -32.69
N CYS B 49 8.98 19.56 -33.84
CA CYS B 49 8.31 19.20 -35.07
C CYS B 49 9.32 18.71 -36.09
N TYR B 50 8.90 17.74 -36.90
CA TYR B 50 9.79 16.96 -37.74
C TYR B 50 9.68 17.40 -39.19
N GLY B 51 10.47 16.74 -40.04
CA GLY B 51 10.51 17.07 -41.45
C GLY B 51 11.54 18.13 -41.78
N VAL B 52 11.31 19.34 -41.32
CA VAL B 52 12.18 20.48 -41.61
C VAL B 52 12.55 21.15 -40.29
N SER B 53 13.83 21.50 -40.18
CA SER B 53 14.30 22.17 -38.97
C SER B 53 13.60 23.53 -38.83
N PRO B 54 13.31 23.96 -37.60
CA PRO B 54 12.57 25.21 -37.43
C PRO B 54 13.34 26.44 -37.88
N THR B 55 14.66 26.36 -38.00
CA THR B 55 15.43 27.51 -38.44
C THR B 55 15.10 27.86 -39.89
N LYS B 56 14.91 26.84 -40.74
CA LYS B 56 14.63 27.05 -42.15
C LYS B 56 13.17 27.34 -42.44
N LEU B 57 12.29 27.22 -41.44
CA LEU B 57 10.86 27.41 -41.68
C LEU B 57 10.47 28.86 -41.88
N ASN B 58 11.38 29.81 -41.61
CA ASN B 58 11.04 31.22 -41.81
C ASN B 58 10.85 31.54 -43.28
N ASP B 59 11.68 30.96 -44.16
CA ASP B 59 11.61 31.20 -45.60
C ASP B 59 11.31 29.88 -46.30
N LEU B 60 10.03 29.62 -46.54
CA LEU B 60 9.61 28.40 -47.21
C LEU B 60 8.26 28.66 -47.86
N CYS B 61 7.89 27.77 -48.78
CA CYS B 61 6.60 27.90 -49.45
C CYS B 61 6.11 26.52 -49.87
N PHE B 62 4.79 26.30 -49.78
CA PHE B 62 4.17 25.02 -50.09
C PHE B 62 2.87 25.29 -50.84
N THR B 63 2.21 24.20 -51.25
CA THR B 63 0.98 24.32 -52.03
C THR B 63 -0.24 24.50 -51.14
N ASN B 64 -0.49 23.54 -50.25
CA ASN B 64 -1.61 23.62 -49.34
C ASN B 64 -1.26 22.94 -48.04
N VAL B 65 -1.81 23.45 -46.94
CA VAL B 65 -1.53 22.96 -45.59
C VAL B 65 -2.84 22.52 -44.95
N TYR B 66 -2.81 21.36 -44.30
CA TYR B 66 -3.97 20.77 -43.66
C TYR B 66 -3.76 20.70 -42.15
N ALA B 67 -4.86 20.84 -41.41
CA ALA B 67 -4.81 20.85 -39.95
C ALA B 67 -5.85 19.89 -39.39
N ASP B 68 -5.52 19.30 -38.25
CA ASP B 68 -6.42 18.38 -37.53
C ASP B 68 -6.43 18.77 -36.06
N SER B 69 -7.58 18.58 -35.41
CA SER B 69 -7.77 18.99 -34.03
C SER B 69 -8.30 17.83 -33.20
N PHE B 70 -7.73 17.64 -32.01
CA PHE B 70 -8.16 16.60 -31.09
C PHE B 70 -8.18 17.16 -29.67
N VAL B 71 -8.61 16.32 -28.74
CA VAL B 71 -8.40 16.53 -27.30
C VAL B 71 -7.99 15.19 -26.72
N ILE B 72 -6.81 15.12 -26.12
CA ILE B 72 -6.16 13.87 -25.76
C ILE B 72 -5.57 14.00 -24.35
N LYS B 73 -5.17 12.85 -23.80
CA LYS B 73 -4.58 12.80 -22.46
C LYS B 73 -3.12 13.22 -22.52
N GLY B 74 -2.39 12.99 -21.43
CA GLY B 74 -1.00 13.40 -21.34
C GLY B 74 -0.01 12.34 -21.78
N ASN B 75 -0.23 11.09 -21.37
CA ASN B 75 0.69 10.02 -21.74
C ASN B 75 0.69 9.73 -23.24
N GLU B 76 -0.37 10.09 -23.95
CA GLU B 76 -0.50 9.80 -25.36
C GLU B 76 -0.05 10.94 -26.26
N VAL B 77 0.50 12.02 -25.69
CA VAL B 77 1.04 13.09 -26.52
C VAL B 77 2.26 12.60 -27.30
N SER B 78 3.12 11.83 -26.65
CA SER B 78 4.29 11.28 -27.33
C SER B 78 3.91 10.20 -28.34
N GLN B 79 2.69 9.68 -28.27
CA GLN B 79 2.25 8.65 -29.19
C GLN B 79 1.90 9.18 -30.57
N ILE B 80 1.64 10.49 -30.69
CA ILE B 80 1.28 11.08 -31.97
C ILE B 80 2.46 11.24 -32.90
N ALA B 81 3.68 10.98 -32.43
CA ALA B 81 4.85 11.06 -33.28
C ALA B 81 4.77 10.00 -34.38
N PRO B 82 5.29 10.30 -35.58
CA PRO B 82 5.21 9.33 -36.67
C PRO B 82 6.02 8.08 -36.39
N GLY B 83 5.57 6.97 -36.95
CA GLY B 83 6.25 5.71 -36.80
C GLY B 83 6.28 5.17 -35.39
N GLN B 84 5.14 5.22 -34.70
CA GLN B 84 5.02 4.71 -33.35
C GLN B 84 3.82 3.77 -33.27
N THR B 85 3.85 2.90 -32.27
CA THR B 85 2.79 1.92 -32.05
C THR B 85 2.17 2.13 -30.67
N GLY B 86 0.89 1.80 -30.57
CA GLY B 86 0.18 2.00 -29.31
C GLY B 86 -1.28 1.69 -29.44
N ASN B 87 -2.08 2.35 -28.60
CA ASN B 87 -3.51 2.11 -28.54
C ASN B 87 -4.35 3.22 -29.15
N ILE B 88 -3.76 4.39 -29.41
CA ILE B 88 -4.52 5.48 -30.00
C ILE B 88 -3.83 5.88 -31.31
N ALA B 89 -2.52 5.67 -31.39
CA ALA B 89 -1.76 5.99 -32.58
C ALA B 89 -1.97 4.99 -33.70
N ASP B 90 -2.66 3.88 -33.45
CA ASP B 90 -2.91 2.89 -34.47
C ASP B 90 -4.38 2.57 -34.67
N TYR B 91 -5.27 3.04 -33.80
CA TYR B 91 -6.70 2.79 -33.94
C TYR B 91 -7.53 4.04 -34.16
N ASN B 92 -6.98 5.22 -33.91
CA ASN B 92 -7.76 6.44 -34.14
C ASN B 92 -7.06 7.45 -35.03
N TYR B 93 -5.74 7.59 -34.94
CA TYR B 93 -5.04 8.60 -35.72
C TYR B 93 -3.61 8.13 -35.95
N LYS B 94 -3.30 7.75 -37.20
CA LYS B 94 -1.97 7.30 -37.58
C LYS B 94 -1.33 8.31 -38.51
N LEU B 95 -0.07 8.62 -38.25
CA LEU B 95 0.63 9.59 -39.08
C LEU B 95 1.57 8.89 -40.05
N PRO B 96 1.73 9.41 -41.26
CA PRO B 96 2.70 8.83 -42.20
C PRO B 96 4.12 8.93 -41.66
N ASP B 97 4.95 7.97 -42.06
CA ASP B 97 6.30 7.87 -41.51
C ASP B 97 7.14 9.09 -41.85
N ASP B 98 7.03 9.59 -43.09
CA ASP B 98 7.85 10.70 -43.56
C ASP B 98 7.03 11.96 -43.80
N PHE B 99 6.04 12.22 -42.94
CA PHE B 99 5.23 13.42 -43.07
C PHE B 99 6.06 14.65 -42.70
N THR B 100 6.05 15.65 -43.57
CA THR B 100 6.86 16.84 -43.40
C THR B 100 6.01 17.99 -42.85
N GLY B 101 5.54 17.78 -41.62
CA GLY B 101 4.73 18.78 -40.94
C GLY B 101 5.19 18.96 -39.51
N CYS B 102 4.44 19.77 -38.76
CA CYS B 102 4.79 20.09 -37.39
C CYS B 102 3.61 19.79 -36.45
N VAL B 103 3.96 19.46 -35.21
CA VAL B 103 3.00 19.03 -34.20
C VAL B 103 3.05 20.01 -33.03
N ILE B 104 1.89 20.49 -32.60
CA ILE B 104 1.77 21.42 -31.48
C ILE B 104 0.69 20.91 -30.54
N ALA B 105 0.99 20.90 -29.24
CA ALA B 105 0.03 20.51 -28.23
C ALA B 105 0.26 21.32 -26.97
N TRP B 106 -0.83 21.79 -26.35
CA TRP B 106 -0.75 22.57 -25.13
C TRP B 106 -1.79 22.07 -24.14
N ASN B 107 -1.50 22.24 -22.85
CA ASN B 107 -2.35 21.70 -21.80
C ASN B 107 -3.58 22.57 -21.59
N SER B 108 -4.73 21.93 -21.45
CA SER B 108 -6.00 22.63 -21.18
C SER B 108 -6.77 21.79 -20.16
N ASN B 109 -6.55 22.08 -18.88
CA ASN B 109 -7.25 21.41 -17.79
C ASN B 109 -8.18 22.33 -17.03
N LYS B 110 -7.99 23.65 -17.12
CA LYS B 110 -8.90 24.60 -16.49
C LYS B 110 -10.15 24.82 -17.32
N LEU B 111 -10.23 24.28 -18.52
CA LEU B 111 -11.40 24.41 -19.38
C LEU B 111 -12.00 23.07 -19.79
N ASP B 112 -11.18 22.10 -20.13
CA ASP B 112 -11.68 20.83 -20.66
C ASP B 112 -12.19 19.89 -19.57
N SER B 113 -11.89 20.17 -18.31
CA SER B 113 -12.29 19.29 -17.20
C SER B 113 -13.21 20.04 -16.26
N LYS B 114 -14.35 19.45 -15.97
CA LYS B 114 -15.35 20.02 -15.08
C LYS B 114 -15.40 19.23 -13.78
N HIS B 115 -15.95 19.86 -12.75
CA HIS B 115 -16.20 19.15 -11.51
C HIS B 115 -17.26 18.08 -11.72
N SER B 116 -17.13 16.98 -10.97
CA SER B 116 -18.03 15.83 -11.09
C SER B 116 -17.97 15.20 -12.48
N GLY B 117 -16.81 15.27 -13.12
CA GLY B 117 -16.59 14.54 -14.35
C GLY B 117 -17.21 15.19 -15.57
N ASN B 118 -16.45 15.23 -16.67
CA ASN B 118 -16.92 15.77 -17.94
C ASN B 118 -16.90 14.66 -18.98
N TYR B 119 -18.09 14.28 -19.46
CA TYR B 119 -18.26 13.19 -20.43
C TYR B 119 -18.72 13.79 -21.75
N ASP B 120 -17.77 14.26 -22.54
CA ASP B 120 -18.06 14.76 -23.87
C ASP B 120 -17.01 14.39 -24.91
N TYR B 121 -16.00 13.62 -24.51
CA TYR B 121 -14.95 13.17 -25.41
C TYR B 121 -14.92 11.65 -25.41
N TRP B 122 -14.33 11.08 -26.46
CA TRP B 122 -14.34 9.63 -26.62
C TRP B 122 -13.05 9.20 -27.29
N TYR B 123 -12.73 7.92 -27.14
CA TYR B 123 -11.60 7.32 -27.84
C TYR B 123 -11.88 5.85 -28.07
N ARG B 124 -11.70 5.42 -29.32
CA ARG B 124 -12.00 4.04 -29.70
C ARG B 124 -10.95 3.08 -29.14
N LEU B 125 -11.38 1.86 -28.87
CA LEU B 125 -10.50 0.84 -28.33
C LEU B 125 -10.49 -0.45 -29.14
N PHE B 126 -11.62 -0.84 -29.71
CA PHE B 126 -11.75 -2.12 -30.42
C PHE B 126 -11.88 -1.86 -31.91
N ARG B 127 -11.07 -2.55 -32.71
CA ARG B 127 -11.07 -2.38 -34.16
C ARG B 127 -10.36 -3.57 -34.77
N LYS B 128 -10.96 -4.14 -35.83
CA LYS B 128 -10.45 -5.39 -36.37
C LYS B 128 -9.10 -5.21 -37.04
N SER B 129 -9.06 -4.39 -38.10
CA SER B 129 -7.84 -4.21 -38.87
C SER B 129 -6.97 -3.12 -38.23
N LYS B 130 -5.99 -2.63 -38.99
CA LYS B 130 -5.10 -1.59 -38.54
C LYS B 130 -5.33 -0.33 -39.37
N LEU B 131 -5.41 0.82 -38.70
CA LEU B 131 -5.67 2.07 -39.40
C LEU B 131 -4.48 2.45 -40.26
N LYS B 132 -4.69 2.57 -41.56
CA LYS B 132 -3.65 3.03 -42.47
C LYS B 132 -3.39 4.51 -42.23
N PRO B 133 -2.20 5.00 -42.60
CA PRO B 133 -1.89 6.42 -42.39
C PRO B 133 -2.91 7.33 -43.04
N PHE B 134 -3.32 8.37 -42.30
CA PHE B 134 -4.31 9.33 -42.74
C PHE B 134 -5.61 8.64 -43.17
N GLU B 135 -6.23 7.95 -42.22
CA GLU B 135 -7.51 7.30 -42.44
C GLU B 135 -8.44 7.60 -41.28
N ARG B 136 -9.73 7.68 -41.58
CA ARG B 136 -10.73 8.08 -40.60
C ARG B 136 -11.93 7.15 -40.68
N ASP B 137 -12.62 6.99 -39.56
CA ASP B 137 -13.86 6.21 -39.51
C ASP B 137 -14.61 6.60 -38.24
N ILE B 138 -15.86 7.03 -38.40
CA ILE B 138 -16.67 7.53 -37.30
C ILE B 138 -17.81 6.59 -36.94
N SER B 139 -18.43 5.96 -37.93
CA SER B 139 -19.55 5.06 -37.66
C SER B 139 -19.08 3.86 -36.85
N THR B 140 -19.80 3.55 -35.79
CA THR B 140 -19.45 2.46 -34.91
C THR B 140 -20.32 1.24 -35.19
N GLU B 141 -19.73 0.07 -34.98
CA GLU B 141 -20.43 -1.20 -35.08
C GLU B 141 -20.05 -2.05 -33.88
N ILE B 142 -21.02 -2.84 -33.40
CA ILE B 142 -20.80 -3.65 -32.21
C ILE B 142 -19.71 -4.67 -32.51
N TYR B 143 -18.56 -4.53 -31.86
CA TYR B 143 -17.39 -5.35 -32.15
C TYR B 143 -17.70 -6.83 -31.96
N GLN B 144 -17.28 -7.65 -32.91
CA GLN B 144 -17.50 -9.09 -32.87
C GLN B 144 -16.23 -9.74 -32.33
N ALA B 145 -16.29 -10.18 -31.08
CA ALA B 145 -15.18 -10.87 -30.43
C ALA B 145 -15.58 -12.26 -29.99
N GLY B 146 -16.46 -12.90 -30.74
CA GLY B 146 -16.90 -14.24 -30.40
C GLY B 146 -17.42 -14.99 -31.61
N ASN B 147 -17.51 -16.32 -31.46
CA ASN B 147 -18.07 -17.14 -32.51
C ASN B 147 -19.56 -16.84 -32.72
N LYS B 148 -20.29 -16.62 -31.64
CA LYS B 148 -21.70 -16.28 -31.75
C LYS B 148 -21.85 -14.89 -32.35
N PRO B 149 -22.72 -14.70 -33.35
CA PRO B 149 -22.84 -13.39 -33.99
C PRO B 149 -23.36 -12.36 -33.00
N CYS B 150 -22.98 -11.10 -33.23
CA CYS B 150 -23.39 -10.05 -32.31
C CYS B 150 -24.89 -9.78 -32.39
N LYS B 151 -25.49 -9.96 -33.57
CA LYS B 151 -26.92 -9.71 -33.79
C LYS B 151 -27.32 -8.30 -33.40
N GLY B 152 -26.39 -7.35 -33.51
CA GLY B 152 -26.68 -5.95 -33.27
C GLY B 152 -26.77 -5.53 -31.82
N VAL B 153 -26.51 -6.43 -30.88
CA VAL B 153 -26.62 -6.14 -29.46
C VAL B 153 -25.29 -6.48 -28.79
N LYS B 154 -25.20 -6.12 -27.51
CA LYS B 154 -24.02 -6.39 -26.71
C LYS B 154 -24.23 -7.67 -25.91
N GLY B 155 -23.34 -7.91 -24.94
CA GLY B 155 -23.46 -9.06 -24.08
C GLY B 155 -22.16 -9.84 -24.00
N PRO B 156 -22.24 -11.15 -24.21
CA PRO B 156 -21.02 -11.97 -24.28
C PRO B 156 -20.29 -11.71 -25.58
N ASN B 157 -19.02 -11.32 -25.47
CA ASN B 157 -18.09 -11.14 -26.59
C ASN B 157 -18.44 -9.97 -27.50
N CYS B 158 -19.54 -9.25 -27.23
CA CYS B 158 -19.95 -8.11 -28.05
C CYS B 158 -19.95 -6.86 -27.17
N TYR B 159 -19.01 -6.07 -27.37
CA TYR B 159 -18.81 -4.89 -26.55
C TYR B 159 -19.12 -3.63 -27.36
N PHE B 160 -18.91 -2.31 -26.87
CA PHE B 160 -19.08 -1.01 -27.48
C PHE B 160 -17.72 -0.34 -27.56
N PRO B 161 -17.24 0.06 -28.74
CA PRO B 161 -15.86 0.55 -28.86
C PRO B 161 -15.57 1.84 -28.10
N LEU B 162 -16.41 2.86 -28.30
CA LEU B 162 -16.12 4.18 -27.77
C LEU B 162 -16.25 4.23 -26.25
N GLN B 163 -15.31 4.91 -25.61
CA GLN B 163 -15.32 5.11 -24.16
C GLN B 163 -15.09 6.57 -23.84
N SER B 164 -15.84 7.09 -22.87
CA SER B 164 -15.74 8.50 -22.52
C SER B 164 -14.47 8.78 -21.72
N TYR B 165 -13.75 9.82 -22.13
CA TYR B 165 -12.55 10.24 -21.42
C TYR B 165 -12.96 10.80 -20.06
N GLY B 166 -12.57 10.13 -18.98
CA GLY B 166 -12.82 10.65 -17.65
C GLY B 166 -11.94 11.85 -17.39
N PHE B 167 -12.56 13.03 -17.17
CA PHE B 167 -11.82 14.25 -16.92
C PHE B 167 -12.30 14.87 -15.61
N ARG B 168 -11.40 15.01 -14.66
CA ARG B 168 -11.66 15.59 -13.35
C ARG B 168 -10.60 16.64 -13.05
N PRO B 169 -10.92 17.64 -12.22
CA PRO B 169 -9.95 18.69 -11.90
C PRO B 169 -8.91 18.30 -10.87
N THR B 170 -8.83 17.03 -10.48
CA THR B 170 -7.86 16.58 -9.49
C THR B 170 -6.93 15.49 -10.01
N TYR B 171 -7.00 15.16 -11.30
CA TYR B 171 -6.13 14.14 -11.85
C TYR B 171 -4.69 14.63 -11.88
N GLY B 172 -3.75 13.69 -11.91
CA GLY B 172 -2.35 14.03 -12.01
C GLY B 172 -2.01 14.55 -13.39
N VAL B 173 -0.76 14.97 -13.59
CA VAL B 173 -0.35 15.56 -14.86
C VAL B 173 -0.53 14.55 -16.00
N GLY B 174 -0.42 13.27 -15.68
CA GLY B 174 -0.54 12.22 -16.67
C GLY B 174 -1.90 12.16 -17.36
N HIS B 175 -2.97 12.39 -16.61
CA HIS B 175 -4.32 12.26 -17.12
C HIS B 175 -5.01 13.61 -17.31
N GLN B 176 -4.24 14.66 -17.49
CA GLN B 176 -4.83 15.96 -17.79
C GLN B 176 -5.12 16.06 -19.28
N PRO B 177 -6.30 16.57 -19.66
CA PRO B 177 -6.58 16.75 -21.09
C PRO B 177 -5.59 17.70 -21.74
N TYR B 178 -5.17 17.37 -22.96
CA TYR B 178 -4.22 18.17 -23.71
C TYR B 178 -4.79 18.44 -25.10
N ARG B 179 -5.04 19.71 -25.41
CA ARG B 179 -5.50 20.06 -26.74
C ARG B 179 -4.37 19.85 -27.75
N VAL B 180 -4.68 19.20 -28.87
CA VAL B 180 -3.68 18.82 -29.86
C VAL B 180 -4.11 19.32 -31.23
N VAL B 181 -3.18 19.94 -31.96
CA VAL B 181 -3.39 20.34 -33.34
C VAL B 181 -2.18 19.86 -34.15
N VAL B 182 -2.45 19.21 -35.27
CA VAL B 182 -1.42 18.65 -36.13
C VAL B 182 -1.45 19.38 -37.46
N LEU B 183 -0.29 19.90 -37.87
CA LEU B 183 -0.15 20.67 -39.10
C LEU B 183 0.77 19.92 -40.04
N SER B 184 0.29 19.63 -41.24
CA SER B 184 1.08 18.90 -42.23
C SER B 184 1.10 19.65 -43.55
N PHE B 185 2.23 19.57 -44.24
CA PHE B 185 2.45 20.29 -45.49
C PHE B 185 2.31 19.34 -46.67
N GLU B 186 1.76 19.86 -47.77
CA GLU B 186 1.50 19.06 -48.96
C GLU B 186 2.16 19.69 -50.17
N LEU B 187 2.64 18.84 -51.07
CA LEU B 187 3.25 19.28 -52.33
C LEU B 187 2.42 18.78 -53.50
N LEU B 188 2.33 19.61 -54.53
CA LEU B 188 1.51 19.30 -55.70
C LEU B 188 2.29 19.74 -56.95
N HIS B 189 1.59 19.87 -58.07
CA HIS B 189 2.19 20.46 -59.26
C HIS B 189 1.36 21.64 -59.75
N ALA B 190 1.05 22.56 -58.86
CA ALA B 190 0.26 23.74 -59.14
C ALA B 190 0.96 24.96 -58.57
N PRO B 191 0.64 26.15 -59.06
CA PRO B 191 1.20 27.38 -58.45
C PRO B 191 0.85 27.46 -56.97
N ALA B 192 1.89 27.49 -56.14
CA ALA B 192 1.71 27.40 -54.71
C ALA B 192 0.93 28.61 -54.18
N THR B 193 0.29 28.41 -53.04
CA THR B 193 -0.53 29.45 -52.41
C THR B 193 0.08 30.01 -51.14
N VAL B 194 0.41 29.16 -50.18
CA VAL B 194 0.93 29.61 -48.89
C VAL B 194 2.44 29.58 -48.92
N CYS B 195 3.06 30.73 -48.70
CA CYS B 195 4.51 30.84 -48.59
C CYS B 195 4.85 31.83 -47.49
N GLY B 196 5.87 31.51 -46.70
CA GLY B 196 6.29 32.37 -45.62
C GLY B 196 6.85 33.67 -46.13
N PRO B 197 6.95 34.67 -45.25
CA PRO B 197 7.41 36.00 -45.65
C PRO B 197 8.93 36.07 -45.84
#